data_3KC0
#
_entry.id   3KC0
#
_cell.length_a   67.246
_cell.length_b   82.820
_cell.length_c   276.631
_cell.angle_alpha   90.000
_cell.angle_beta   90.000
_cell.angle_gamma   90.000
#
_symmetry.space_group_name_H-M   'P 21 21 21'
#
loop_
_entity.id
_entity.type
_entity.pdbx_description
1 polymer 'Fructose-1,6-bisphosphatase 1'
2 non-polymer '[(8H-indeno[1,2-d][1,3]thiazol-4-yloxy)methyl]phosphonic acid'
3 water water
#
_entity_poly.entity_id   1
_entity_poly.type   'polypeptide(L)'
_entity_poly.pdbx_seq_one_letter_code
;ADQAPFDTDVNTLTRFVMEEGRKARGTGELTQLLNSLCTAVKAISSAVRKAGIAHLYGIAGSTNVTGDQVKKLDVLSNDL
VMNMLKSSFATCVLVSEEDKHAIIVEPEKRGKYVVCFDPLDGSSNIDCLVSVGTIFGIYRKKSTDEPSEKDALQPGRNLV
AAGYALYGSATMLVLAMDCGVNCFMLDPAIGEFILVDKDVKIKKKGKIYSLNEGYAKDFDPAVTEYIQRKKFPPDNSAPY
GARYVGSMVADVHRTLVYGGIFLYPANKKSPNGKLRLLYECNPMAYVMEKAGGMATTGKEAVLDVIPTDIHQRAPVILGS
PDDVLEFLKVYEKHSAQ
;
_entity_poly.pdbx_strand_id   A,B,C,D
#
# COMPACT_ATOMS: atom_id res chain seq x y z
N ASP A 9 20.22 14.49 -6.87
CA ASP A 9 20.54 13.08 -6.48
C ASP A 9 19.66 12.64 -5.29
N VAL A 10 18.69 11.79 -5.55
CA VAL A 10 17.80 11.28 -4.52
C VAL A 10 18.62 10.64 -3.41
N ASN A 11 18.12 10.70 -2.19
CA ASN A 11 18.82 10.09 -1.09
C ASN A 11 17.81 9.48 -0.12
N THR A 12 18.13 8.31 0.42
CA THR A 12 17.23 7.67 1.34
C THR A 12 17.89 7.57 2.70
N LEU A 13 17.10 7.28 3.72
CA LEU A 13 17.61 7.14 5.07
C LEU A 13 18.68 6.04 5.10
N THR A 14 18.41 4.93 4.44
CA THR A 14 19.36 3.82 4.43
C THR A 14 20.69 4.21 3.80
N ARG A 15 20.62 4.87 2.65
CA ARG A 15 21.83 5.29 1.96
C ARG A 15 22.62 6.29 2.81
N PHE A 16 21.89 7.25 3.38
CA PHE A 16 22.47 8.29 4.22
C PHE A 16 23.19 7.71 5.42
N VAL A 17 22.50 6.89 6.21
CA VAL A 17 23.10 6.28 7.38
C VAL A 17 24.28 5.39 7.03
N MET A 18 24.21 4.69 5.90
CA MET A 18 25.30 3.81 5.49
C MET A 18 26.56 4.65 5.23
N GLU A 19 26.37 5.75 4.53
CA GLU A 19 27.46 6.66 4.19
C GLU A 19 28.10 7.26 5.44
N GLU A 20 27.28 7.89 6.29
CA GLU A 20 27.77 8.50 7.51
C GLU A 20 28.48 7.47 8.38
N GLY A 21 27.96 6.24 8.35
CA GLY A 21 28.55 5.19 9.15
C GLY A 21 29.90 4.77 8.61
N ARG A 22 30.02 4.74 7.28
CA ARG A 22 31.26 4.36 6.64
C ARG A 22 32.33 5.39 6.97
N LYS A 23 31.96 6.66 6.93
CA LYS A 23 32.90 7.74 7.23
C LYS A 23 33.44 7.61 8.66
N ALA A 24 32.57 7.20 9.58
CA ALA A 24 32.94 7.06 10.99
C ALA A 24 34.01 5.99 11.19
N ARG A 25 34.08 5.05 10.25
CA ARG A 25 35.06 3.96 10.32
C ARG A 25 35.03 3.23 11.66
N GLY A 26 33.86 2.72 12.01
CA GLY A 26 33.69 2.00 13.26
C GLY A 26 33.27 0.56 13.02
N THR A 27 32.55 -0.02 13.97
CA THR A 27 32.10 -1.40 13.85
C THR A 27 30.93 -1.56 12.89
N GLY A 28 30.18 -0.47 12.67
CA GLY A 28 29.02 -0.53 11.80
C GLY A 28 27.75 -0.81 12.59
N GLU A 29 27.90 -0.89 13.92
CA GLU A 29 26.78 -1.16 14.81
C GLU A 29 25.67 -0.12 14.74
N LEU A 30 26.02 1.15 14.91
CA LEU A 30 25.01 2.20 14.87
C LEU A 30 24.23 2.13 13.56
N THR A 31 24.92 1.81 12.47
CA THR A 31 24.28 1.71 11.18
C THR A 31 23.19 0.63 11.24
N GLN A 32 23.53 -0.52 11.83
CA GLN A 32 22.58 -1.60 11.96
C GLN A 32 21.43 -1.22 12.88
N LEU A 33 21.77 -0.52 13.97
CA LEU A 33 20.77 -0.09 14.92
C LEU A 33 19.72 0.79 14.24
N LEU A 34 20.18 1.84 13.56
CA LEU A 34 19.28 2.76 12.86
C LEU A 34 18.46 2.06 11.77
N ASN A 35 19.07 1.13 11.04
CA ASN A 35 18.36 0.42 10.00
C ASN A 35 17.20 -0.32 10.64
N SER A 36 17.49 -0.97 11.76
CA SER A 36 16.47 -1.72 12.49
C SER A 36 15.34 -0.84 12.98
N LEU A 37 15.70 0.30 13.56
CA LEU A 37 14.71 1.22 14.08
C LEU A 37 13.83 1.70 12.94
N CYS A 38 14.47 2.00 11.82
CA CYS A 38 13.77 2.47 10.62
C CYS A 38 12.71 1.45 10.16
N THR A 39 13.09 0.18 10.12
CA THR A 39 12.17 -0.88 9.72
C THR A 39 11.01 -0.93 10.71
N ALA A 40 11.32 -0.80 11.99
CA ALA A 40 10.29 -0.82 13.02
C ALA A 40 9.32 0.33 12.79
N VAL A 41 9.85 1.51 12.53
CA VAL A 41 8.99 2.66 12.32
C VAL A 41 8.04 2.42 11.15
N LYS A 42 8.55 1.83 10.08
CA LYS A 42 7.70 1.54 8.93
C LYS A 42 6.58 0.62 9.37
N ALA A 43 6.93 -0.41 10.14
CA ALA A 43 5.94 -1.36 10.63
C ALA A 43 4.90 -0.66 11.49
N ILE A 44 5.34 0.20 12.40
CA ILE A 44 4.41 0.92 13.26
C ILE A 44 3.50 1.78 12.40
N SER A 45 4.09 2.49 11.43
CA SER A 45 3.31 3.36 10.54
C SER A 45 2.18 2.58 9.87
N SER A 46 2.53 1.41 9.32
CA SER A 46 1.54 0.56 8.66
C SER A 46 0.38 0.27 9.60
N ALA A 47 0.72 -0.12 10.83
CA ALA A 47 -0.26 -0.45 11.85
C ALA A 47 -1.10 0.78 12.23
N VAL A 48 -0.42 1.89 12.48
CA VAL A 48 -1.12 3.11 12.87
C VAL A 48 -2.13 3.57 11.83
N ARG A 49 -1.81 3.41 10.55
CA ARG A 49 -2.73 3.79 9.48
C ARG A 49 -3.84 2.74 9.30
N LYS A 50 -3.94 1.82 10.24
CA LYS A 50 -4.96 0.77 10.25
C LYS A 50 -4.95 -0.29 9.13
N ALA A 51 -3.77 -0.62 8.61
CA ALA A 51 -3.71 -1.61 7.55
C ALA A 51 -4.27 -2.92 8.10
N GLY A 52 -5.16 -3.53 7.33
CA GLY A 52 -5.74 -4.80 7.75
C GLY A 52 -6.87 -4.75 8.75
N ILE A 53 -7.26 -3.54 9.17
CA ILE A 53 -8.34 -3.42 10.13
C ILE A 53 -9.59 -4.18 9.70
N ALA A 54 -9.76 -4.38 8.38
CA ALA A 54 -10.92 -5.09 7.87
C ALA A 54 -11.01 -6.49 8.46
N HIS A 55 -9.86 -7.12 8.68
CA HIS A 55 -9.83 -8.47 9.24
C HIS A 55 -10.29 -8.43 10.69
N LEU A 56 -9.95 -7.34 11.37
CA LEU A 56 -10.32 -7.19 12.77
C LEU A 56 -11.84 -7.05 12.85
N TYR A 57 -12.47 -6.58 11.77
CA TYR A 57 -13.92 -6.40 11.73
C TYR A 57 -14.67 -7.49 10.98
N GLY A 58 -14.05 -8.66 10.86
CA GLY A 58 -14.67 -9.81 10.25
C GLY A 58 -14.84 -9.92 8.75
N ILE A 59 -14.01 -9.26 7.95
CA ILE A 59 -14.17 -9.37 6.51
C ILE A 59 -14.05 -10.85 6.08
N ALA A 60 -13.24 -11.62 6.80
CA ALA A 60 -13.04 -13.03 6.49
C ALA A 60 -13.80 -13.96 7.46
N GLY A 61 -14.75 -13.41 8.19
CA GLY A 61 -15.53 -14.21 9.11
C GLY A 61 -15.09 -14.04 10.54
N VAL A 70 -4.23 -8.27 16.87
CA VAL A 70 -5.44 -7.90 17.61
C VAL A 70 -5.09 -7.40 19.01
N LYS A 71 -3.93 -6.77 19.13
CA LYS A 71 -3.52 -6.24 20.41
C LYS A 71 -3.49 -4.73 20.25
N LYS A 72 -3.29 -4.01 21.35
CA LYS A 72 -3.26 -2.56 21.29
C LYS A 72 -2.02 -2.06 20.52
N LEU A 73 -2.18 -0.90 19.90
CA LEU A 73 -1.11 -0.30 19.11
C LEU A 73 0.16 0.03 19.88
N ASP A 74 0.02 0.54 21.11
CA ASP A 74 1.19 0.85 21.90
C ASP A 74 1.98 -0.43 22.19
N VAL A 75 1.27 -1.49 22.52
CA VAL A 75 1.89 -2.77 22.80
C VAL A 75 2.68 -3.25 21.58
N LEU A 76 1.98 -3.31 20.45
CA LEU A 76 2.59 -3.74 19.20
C LEU A 76 3.81 -2.88 18.86
N SER A 77 3.65 -1.56 18.98
CA SER A 77 4.73 -0.64 18.68
C SER A 77 5.95 -0.94 19.53
N ASN A 78 5.71 -1.18 20.81
CA ASN A 78 6.79 -1.47 21.75
C ASN A 78 7.47 -2.78 21.36
N ASP A 79 6.67 -3.77 20.96
CA ASP A 79 7.21 -5.06 20.56
C ASP A 79 8.11 -4.94 19.33
N LEU A 80 7.67 -4.13 18.37
CA LEU A 80 8.42 -3.92 17.15
C LEU A 80 9.80 -3.27 17.41
N VAL A 81 9.81 -2.15 18.13
CA VAL A 81 11.07 -1.47 18.44
C VAL A 81 11.97 -2.40 19.24
N MET A 82 11.40 -3.01 20.28
CA MET A 82 12.14 -3.94 21.14
C MET A 82 12.79 -5.06 20.37
N ASN A 83 12.01 -5.77 19.56
CA ASN A 83 12.54 -6.87 18.79
C ASN A 83 13.55 -6.44 17.71
N MET A 84 13.24 -5.36 16.99
CA MET A 84 14.15 -4.90 15.96
C MET A 84 15.48 -4.44 16.56
N LEU A 85 15.41 -3.77 17.71
CA LEU A 85 16.64 -3.30 18.35
C LEU A 85 17.46 -4.48 18.90
N LYS A 86 16.81 -5.40 19.60
CA LYS A 86 17.51 -6.56 20.13
C LYS A 86 18.20 -7.32 18.99
N SER A 87 17.46 -7.58 17.93
CA SER A 87 17.97 -8.32 16.77
C SER A 87 19.03 -7.60 15.95
N SER A 88 19.33 -6.35 16.31
CA SER A 88 20.33 -5.57 15.59
C SER A 88 21.74 -5.92 16.05
N PHE A 89 21.84 -6.46 17.26
CA PHE A 89 23.12 -6.83 17.84
C PHE A 89 23.95 -5.59 18.16
N ALA A 90 23.30 -4.44 18.22
CA ALA A 90 23.98 -3.19 18.51
C ALA A 90 23.59 -2.56 19.85
N THR A 91 22.71 -3.22 20.60
CA THR A 91 22.27 -2.68 21.88
C THR A 91 22.49 -3.64 23.06
N CYS A 92 22.42 -3.10 24.26
CA CYS A 92 22.62 -3.91 25.47
C CYS A 92 21.61 -3.56 26.55
N VAL A 93 21.14 -2.31 26.51
CA VAL A 93 20.18 -1.79 27.49
C VAL A 93 19.08 -1.00 26.80
N LEU A 94 17.83 -1.43 26.97
CA LEU A 94 16.69 -0.76 26.35
C LEU A 94 15.71 -0.22 27.37
N VAL A 95 15.40 1.07 27.27
CA VAL A 95 14.44 1.69 28.18
C VAL A 95 13.26 2.21 27.37
N SER A 96 12.07 1.76 27.74
CA SER A 96 10.85 2.13 27.05
C SER A 96 9.79 2.58 28.05
N GLU A 97 8.98 3.57 27.72
CA GLU A 97 7.99 3.94 28.72
C GLU A 97 7.18 2.72 29.17
N GLU A 98 7.03 1.75 28.27
CA GLU A 98 6.26 0.53 28.55
C GLU A 98 6.75 -0.31 29.71
N ASP A 99 8.05 -0.57 29.76
CA ASP A 99 8.54 -1.41 30.83
C ASP A 99 9.12 -0.67 32.01
N LYS A 100 8.66 -1.09 33.19
CA LYS A 100 9.09 -0.51 34.45
C LYS A 100 10.60 -0.57 34.63
N HIS A 101 11.20 -1.69 34.25
CA HIS A 101 12.63 -1.85 34.37
C HIS A 101 13.32 -1.82 33.00
N ALA A 102 14.59 -1.42 32.99
CA ALA A 102 15.35 -1.39 31.75
C ALA A 102 15.46 -2.83 31.29
N ILE A 103 15.43 -3.06 30.00
CA ILE A 103 15.57 -4.42 29.49
C ILE A 103 17.03 -4.65 29.16
N ILE A 104 17.59 -5.75 29.66
CA ILE A 104 18.98 -6.08 29.37
C ILE A 104 19.00 -7.10 28.25
N VAL A 105 19.61 -6.71 27.13
CA VAL A 105 19.69 -7.60 25.96
C VAL A 105 20.47 -8.84 26.33
N GLU A 106 19.98 -10.00 25.90
CA GLU A 106 20.67 -11.25 26.19
C GLU A 106 22.11 -11.13 25.68
N PRO A 107 23.06 -11.78 26.37
CA PRO A 107 24.48 -11.75 26.00
C PRO A 107 24.84 -12.02 24.55
N GLU A 108 24.19 -12.99 23.92
CA GLU A 108 24.52 -13.31 22.53
C GLU A 108 24.06 -12.31 21.49
N LYS A 109 23.44 -11.21 21.91
CA LYS A 109 22.93 -10.20 20.97
C LYS A 109 23.34 -8.80 21.38
N ARG A 110 24.25 -8.68 22.33
CA ARG A 110 24.69 -7.39 22.83
C ARG A 110 25.56 -6.55 21.91
N GLY A 111 25.25 -5.25 21.91
CA GLY A 111 26.00 -4.28 21.13
C GLY A 111 26.44 -3.23 22.14
N LYS A 112 27.14 -2.21 21.67
CA LYS A 112 27.64 -1.17 22.59
C LYS A 112 26.71 0.01 22.83
N TYR A 113 25.52 0.00 22.22
CA TYR A 113 24.61 1.13 22.38
C TYR A 113 23.46 0.91 23.37
N VAL A 114 23.04 2.02 23.98
CA VAL A 114 21.93 2.02 24.93
C VAL A 114 20.85 2.85 24.27
N VAL A 115 19.61 2.38 24.30
CA VAL A 115 18.54 3.14 23.66
C VAL A 115 17.34 3.38 24.57
N CYS A 116 16.92 4.62 24.63
CA CYS A 116 15.77 5.01 25.44
C CYS A 116 14.73 5.45 24.43
N PHE A 117 13.49 5.00 24.61
CA PHE A 117 12.47 5.39 23.65
C PHE A 117 11.03 5.25 24.13
N ASP A 118 10.15 5.97 23.46
CA ASP A 118 8.73 5.93 23.73
C ASP A 118 8.24 5.34 22.41
N PRO A 119 7.85 4.05 22.41
CA PRO A 119 7.37 3.37 21.20
C PRO A 119 6.20 4.05 20.51
N LEU A 120 5.27 4.61 21.29
CA LEU A 120 4.14 5.29 20.68
C LEU A 120 3.69 6.43 21.58
N ASP A 121 4.26 7.60 21.32
CA ASP A 121 3.94 8.80 22.08
C ASP A 121 2.58 9.36 21.69
N GLY A 122 1.81 9.75 22.70
CA GLY A 122 0.48 10.29 22.47
C GLY A 122 -0.55 9.19 22.31
N SER A 123 -0.13 7.94 22.55
CA SER A 123 -1.01 6.79 22.43
C SER A 123 -2.21 6.83 23.37
N SER A 124 -2.12 7.60 24.44
CA SER A 124 -3.22 7.73 25.40
C SER A 124 -4.46 8.27 24.66
N ASN A 125 -4.21 8.82 23.47
CA ASN A 125 -5.28 9.38 22.68
C ASN A 125 -5.21 9.08 21.17
N ILE A 126 -5.24 7.80 20.81
CA ILE A 126 -5.19 7.39 19.40
C ILE A 126 -6.60 7.18 18.85
N ASP A 127 -7.59 7.19 19.74
CA ASP A 127 -8.99 6.97 19.35
C ASP A 127 -9.56 8.11 18.51
N CYS A 128 -8.99 9.30 18.68
CA CYS A 128 -9.47 10.45 17.92
C CYS A 128 -8.68 10.66 16.64
N LEU A 129 -7.76 9.74 16.35
CA LEU A 129 -6.94 9.81 15.15
C LEU A 129 -5.95 10.97 15.18
N VAL A 130 -5.64 11.46 16.37
CA VAL A 130 -4.70 12.56 16.49
C VAL A 130 -3.33 12.01 16.11
N SER A 131 -2.41 12.89 15.74
CA SER A 131 -1.08 12.45 15.37
C SER A 131 -0.42 11.71 16.53
N VAL A 132 0.44 10.75 16.17
CA VAL A 132 1.16 9.99 17.17
C VAL A 132 2.57 9.81 16.62
N GLY A 133 3.49 9.37 17.45
CA GLY A 133 4.85 9.22 16.97
C GLY A 133 5.72 8.31 17.82
N THR A 134 6.97 8.16 17.39
CA THR A 134 7.92 7.32 18.11
C THR A 134 9.14 8.20 18.40
N ILE A 135 9.48 8.32 19.68
CA ILE A 135 10.63 9.13 20.08
C ILE A 135 11.76 8.17 20.47
N PHE A 136 12.99 8.54 20.14
CA PHE A 136 14.14 7.69 20.49
C PHE A 136 15.40 8.47 20.81
N GLY A 137 16.20 7.91 21.70
CA GLY A 137 17.46 8.53 22.09
C GLY A 137 18.50 7.44 22.19
N ILE A 138 19.65 7.66 21.55
CA ILE A 138 20.70 6.65 21.55
C ILE A 138 21.98 7.12 22.25
N TYR A 139 22.45 6.29 23.19
CA TYR A 139 23.66 6.57 23.95
C TYR A 139 24.63 5.42 23.73
N ARG A 140 25.91 5.67 24.00
CA ARG A 140 26.92 4.64 23.87
C ARG A 140 27.15 4.14 25.30
N LYS A 141 27.20 2.82 25.50
CA LYS A 141 27.42 2.31 26.84
C LYS A 141 28.79 2.81 27.29
N LYS A 142 28.84 3.50 28.43
CA LYS A 142 30.12 4.03 28.92
C LYS A 142 30.58 3.39 30.21
N SER A 143 30.49 2.07 30.26
CA SER A 143 30.89 1.31 31.43
C SER A 143 31.52 -0.01 31.00
N THR A 144 32.28 -0.61 31.92
CA THR A 144 32.94 -1.89 31.68
C THR A 144 32.22 -3.01 32.43
N ASP A 145 31.17 -2.64 33.15
CA ASP A 145 30.37 -3.57 33.95
C ASP A 145 29.25 -4.26 33.17
N GLU A 146 28.64 -5.26 33.81
CA GLU A 146 27.55 -5.99 33.20
C GLU A 146 26.46 -4.97 32.89
N PRO A 147 25.88 -5.04 31.69
CA PRO A 147 24.82 -4.09 31.34
C PRO A 147 23.69 -4.07 32.37
N SER A 148 23.22 -2.88 32.70
CA SER A 148 22.16 -2.70 33.68
C SER A 148 21.45 -1.37 33.42
N GLU A 149 20.37 -1.16 34.17
CA GLU A 149 19.56 0.06 34.08
C GLU A 149 20.44 1.29 34.26
N LYS A 150 21.52 1.13 35.00
CA LYS A 150 22.44 2.21 35.30
C LYS A 150 23.04 2.84 34.03
N ASP A 151 23.18 2.05 32.97
CA ASP A 151 23.76 2.56 31.74
C ASP A 151 22.83 3.47 30.93
N ALA A 152 21.59 3.59 31.38
CA ALA A 152 20.61 4.46 30.72
C ALA A 152 20.55 5.78 31.46
N LEU A 153 21.25 5.85 32.59
CA LEU A 153 21.24 7.06 33.40
C LEU A 153 22.35 8.03 33.03
N GLN A 154 22.36 8.48 31.78
CA GLN A 154 23.37 9.43 31.35
C GLN A 154 22.67 10.73 30.97
N PRO A 155 23.35 11.87 31.15
CA PRO A 155 22.72 13.15 30.79
C PRO A 155 22.54 13.24 29.29
N GLY A 156 21.43 13.83 28.86
CA GLY A 156 21.16 13.97 27.43
C GLY A 156 22.35 14.47 26.64
N ARG A 157 23.22 15.23 27.29
CA ARG A 157 24.39 15.78 26.66
C ARG A 157 25.27 14.68 26.04
N ASN A 158 25.08 13.44 26.49
CA ASN A 158 25.87 12.30 25.99
C ASN A 158 25.27 11.61 24.75
N LEU A 159 24.10 12.04 24.33
CA LEU A 159 23.45 11.43 23.18
C LEU A 159 24.32 11.37 21.94
N VAL A 160 24.31 10.22 21.27
CA VAL A 160 25.06 9.97 20.05
C VAL A 160 24.17 10.24 18.86
N ALA A 161 22.88 10.06 19.07
CA ALA A 161 21.88 10.26 18.04
C ALA A 161 20.51 10.26 18.72
N ALA A 162 19.53 10.91 18.09
CA ALA A 162 18.20 10.95 18.66
C ALA A 162 17.27 11.55 17.64
N GLY A 163 15.98 11.31 17.84
CA GLY A 163 15.01 11.84 16.90
C GLY A 163 13.66 11.20 17.14
N TYR A 164 12.78 11.36 16.17
CA TYR A 164 11.46 10.81 16.30
C TYR A 164 10.82 10.52 14.95
N ALA A 165 9.74 9.76 14.98
CA ALA A 165 9.01 9.42 13.78
C ALA A 165 7.63 10.02 14.02
N LEU A 166 7.17 10.86 13.09
CA LEU A 166 5.87 11.47 13.24
C LEU A 166 4.88 10.76 12.33
N TYR A 167 3.80 10.23 12.91
CA TYR A 167 2.76 9.54 12.15
C TYR A 167 1.61 10.50 12.00
N GLY A 168 1.78 11.51 11.16
CA GLY A 168 0.73 12.48 10.95
C GLY A 168 0.03 12.29 9.61
N SER A 169 -0.21 13.38 8.89
CA SER A 169 -0.86 13.27 7.60
C SER A 169 0.04 12.39 6.74
N ALA A 170 1.34 12.47 7.00
CA ALA A 170 2.33 11.65 6.32
C ALA A 170 3.30 11.22 7.41
N THR A 171 4.07 10.18 7.16
CA THR A 171 5.00 9.73 8.17
C THR A 171 6.38 10.28 7.88
N MET A 172 6.96 10.94 8.87
CA MET A 172 8.30 11.49 8.71
C MET A 172 9.20 11.12 9.88
N LEU A 173 10.47 10.92 9.57
CA LEU A 173 11.46 10.57 10.57
C LEU A 173 12.49 11.68 10.67
N VAL A 174 12.57 12.30 11.83
CA VAL A 174 13.54 13.36 12.04
C VAL A 174 14.72 12.72 12.77
N LEU A 175 15.89 12.77 12.14
CA LEU A 175 17.08 12.18 12.72
C LEU A 175 18.12 13.24 13.02
N ALA A 176 18.52 13.31 14.29
CA ALA A 176 19.50 14.29 14.73
C ALA A 176 20.75 13.60 15.23
N MET A 177 21.89 14.02 14.70
CA MET A 177 23.18 13.47 15.10
C MET A 177 24.13 14.64 15.26
N ASP A 178 25.37 14.34 15.63
CA ASP A 178 26.33 15.40 15.82
C ASP A 178 26.47 16.32 14.61
N CYS A 179 26.26 15.77 13.42
CA CYS A 179 26.38 16.55 12.19
C CYS A 179 25.15 17.39 11.83
N GLY A 180 24.10 17.34 12.64
CA GLY A 180 22.91 18.13 12.35
C GLY A 180 21.61 17.34 12.33
N VAL A 181 20.55 17.99 11.87
CA VAL A 181 19.23 17.37 11.82
C VAL A 181 18.75 17.18 10.38
N ASN A 182 18.25 15.99 10.06
CA ASN A 182 17.75 15.70 8.71
C ASN A 182 16.37 15.06 8.75
N CYS A 183 15.51 15.47 7.83
CA CYS A 183 14.15 14.93 7.78
C CYS A 183 13.90 14.05 6.57
N PHE A 184 13.29 12.90 6.82
CA PHE A 184 12.99 11.94 5.77
C PHE A 184 11.50 11.66 5.71
N MET A 185 10.95 11.70 4.51
CA MET A 185 9.53 11.44 4.31
C MET A 185 9.41 9.98 3.92
N LEU A 186 8.47 9.27 4.51
CA LEU A 186 8.28 7.86 4.19
C LEU A 186 7.37 7.74 2.97
N ASP A 187 7.91 7.19 1.89
CA ASP A 187 7.11 6.99 0.69
C ASP A 187 6.45 5.63 0.82
N PRO A 188 5.16 5.59 1.19
CA PRO A 188 4.46 4.32 1.33
C PRO A 188 4.46 3.44 0.08
N ALA A 189 4.58 4.03 -1.11
CA ALA A 189 4.58 3.25 -2.32
C ALA A 189 5.76 2.29 -2.40
N ILE A 190 6.91 2.65 -1.85
CA ILE A 190 8.09 1.79 -1.90
C ILE A 190 8.74 1.54 -0.55
N GLY A 191 8.08 1.97 0.51
CA GLY A 191 8.63 1.77 1.83
C GLY A 191 10.07 2.28 1.94
N GLU A 192 10.29 3.51 1.51
CA GLU A 192 11.61 4.12 1.56
C GLU A 192 11.54 5.51 2.19
N PHE A 193 12.48 5.80 3.08
CA PHE A 193 12.52 7.12 3.71
C PHE A 193 13.33 8.04 2.82
N ILE A 194 12.67 9.01 2.19
CA ILE A 194 13.30 9.94 1.28
C ILE A 194 13.73 11.23 1.97
N LEU A 195 15.02 11.55 1.86
CA LEU A 195 15.56 12.77 2.47
C LEU A 195 14.93 14.00 1.80
N VAL A 196 14.21 14.81 2.57
CA VAL A 196 13.57 15.99 1.98
C VAL A 196 13.97 17.30 2.69
N ASP A 197 14.82 17.19 3.69
CA ASP A 197 15.28 18.37 4.43
C ASP A 197 16.64 18.13 5.07
N LYS A 198 17.67 18.74 4.48
CA LYS A 198 19.02 18.58 4.98
C LYS A 198 19.44 19.66 5.96
N ASP A 199 20.24 19.25 6.95
CA ASP A 199 20.77 20.14 7.98
C ASP A 199 19.79 21.24 8.38
N VAL A 200 18.62 20.82 8.86
CA VAL A 200 17.54 21.71 9.28
C VAL A 200 17.89 22.62 10.47
N LYS A 201 17.36 23.84 10.44
CA LYS A 201 17.59 24.82 11.50
C LYS A 201 16.28 25.53 11.87
N ILE A 202 15.96 25.57 13.15
CA ILE A 202 14.72 26.22 13.59
C ILE A 202 14.83 27.75 13.46
N LYS A 203 13.69 28.40 13.27
CA LYS A 203 13.68 29.86 13.15
C LYS A 203 14.18 30.48 14.46
N LYS A 204 14.86 31.61 14.34
CA LYS A 204 15.41 32.30 15.50
C LYS A 204 14.29 32.68 16.47
N LYS A 205 13.12 33.02 15.92
CA LYS A 205 11.98 33.40 16.74
C LYS A 205 10.70 33.04 15.98
N GLY A 206 9.70 32.57 16.71
CA GLY A 206 8.45 32.18 16.10
C GLY A 206 7.27 33.05 16.49
N LYS A 207 6.06 32.60 16.15
CA LYS A 207 4.84 33.32 16.46
C LYS A 207 3.76 32.40 17.03
N ILE A 208 4.19 31.23 17.51
CA ILE A 208 3.27 30.25 18.07
C ILE A 208 3.73 29.74 19.44
N TYR A 209 2.80 29.67 20.40
CA TYR A 209 3.15 29.13 21.72
C TYR A 209 2.25 27.92 21.90
N SER A 210 2.81 26.84 22.47
CA SER A 210 2.07 25.61 22.64
C SER A 210 2.15 25.00 24.03
N LEU A 211 0.99 24.81 24.67
CA LEU A 211 0.91 24.21 26.00
C LEU A 211 -0.56 24.04 26.40
N ASN A 212 -0.83 23.09 27.28
CA ASN A 212 -2.19 22.85 27.74
C ASN A 212 -2.61 23.92 28.74
N GLU A 213 -3.35 24.92 28.27
CA GLU A 213 -3.80 26.01 29.15
C GLU A 213 -4.87 25.58 30.15
N GLY A 214 -5.32 24.34 30.07
CA GLY A 214 -6.31 23.88 31.02
C GLY A 214 -5.71 23.89 32.41
N TYR A 215 -4.39 23.78 32.49
CA TYR A 215 -3.72 23.78 33.79
C TYR A 215 -3.42 25.20 34.28
N ALA A 216 -4.03 26.19 33.62
CA ALA A 216 -3.85 27.60 33.98
C ALA A 216 -3.94 27.85 35.49
N LYS A 217 -4.95 27.25 36.10
CA LYS A 217 -5.19 27.39 37.53
C LYS A 217 -3.99 26.97 38.37
N ASP A 218 -3.19 26.04 37.88
CA ASP A 218 -2.03 25.55 38.62
C ASP A 218 -0.68 26.03 38.11
N PHE A 219 -0.68 26.89 37.10
CA PHE A 219 0.57 27.39 36.54
C PHE A 219 1.49 28.10 37.50
N ASP A 220 2.78 28.00 37.23
CA ASP A 220 3.81 28.68 38.01
C ASP A 220 3.70 30.13 37.54
N PRO A 221 3.78 31.11 38.46
CA PRO A 221 3.68 32.53 38.08
C PRO A 221 4.48 32.93 36.83
N ALA A 222 5.67 32.38 36.67
CA ALA A 222 6.52 32.67 35.51
C ALA A 222 5.79 32.26 34.24
N VAL A 223 5.26 31.04 34.24
CA VAL A 223 4.53 30.55 33.09
C VAL A 223 3.32 31.45 32.82
N THR A 224 2.56 31.77 33.87
CA THR A 224 1.39 32.62 33.71
C THR A 224 1.74 33.95 33.06
N GLU A 225 2.81 34.57 33.54
CA GLU A 225 3.23 35.85 32.98
C GLU A 225 3.65 35.72 31.52
N TYR A 226 4.45 34.69 31.23
CA TYR A 226 4.91 34.50 29.85
C TYR A 226 3.74 34.34 28.88
N ILE A 227 2.82 33.45 29.20
CA ILE A 227 1.67 33.23 28.32
C ILE A 227 0.94 34.55 28.15
N GLN A 228 0.84 35.31 29.23
CA GLN A 228 0.17 36.60 29.19
C GLN A 228 0.86 37.53 28.20
N ARG A 229 2.19 37.48 28.16
CA ARG A 229 2.94 38.34 27.25
C ARG A 229 2.76 37.90 25.80
N LYS A 230 2.34 36.66 25.59
CA LYS A 230 2.15 36.17 24.23
C LYS A 230 0.75 36.53 23.73
N LYS A 231 -0.20 36.64 24.66
CA LYS A 231 -1.58 36.98 24.30
C LYS A 231 -1.83 38.50 24.32
N PHE A 232 -1.05 39.21 25.14
CA PHE A 232 -1.14 40.66 25.27
C PHE A 232 0.26 41.26 25.24
N PRO A 233 0.89 41.31 24.05
CA PRO A 233 2.24 41.87 23.95
C PRO A 233 2.32 43.26 24.60
N PRO A 234 3.25 43.44 25.55
CA PRO A 234 3.36 44.75 26.21
C PRO A 234 3.82 45.84 25.24
N ASP A 235 4.80 45.52 24.39
CA ASP A 235 5.31 46.48 23.41
C ASP A 235 4.33 46.51 22.25
N ASN A 236 3.09 46.17 22.56
CA ASN A 236 2.00 46.13 21.61
C ASN A 236 2.29 45.48 20.28
N SER A 237 3.07 44.40 20.30
CA SER A 237 3.36 43.67 19.06
C SER A 237 2.16 42.76 18.80
N ALA A 238 2.21 41.95 17.74
CA ALA A 238 1.10 41.05 17.43
C ALA A 238 1.14 39.84 18.36
N PRO A 239 0.01 39.51 18.99
CA PRO A 239 0.01 38.36 19.89
C PRO A 239 0.33 37.06 19.15
N TYR A 240 1.00 36.16 19.84
CA TYR A 240 1.38 34.86 19.29
C TYR A 240 0.14 34.02 19.08
N GLY A 241 0.20 33.10 18.13
CA GLY A 241 -0.93 32.23 17.90
C GLY A 241 -0.79 31.04 18.84
N ALA A 242 -1.91 30.39 19.14
CA ALA A 242 -1.88 29.23 20.03
C ALA A 242 -2.15 27.92 19.32
N ARG A 243 -1.41 26.87 19.68
CA ARG A 243 -1.59 25.55 19.10
C ARG A 243 -1.17 24.52 20.13
N TYR A 244 -1.99 23.49 20.31
CA TYR A 244 -1.66 22.43 21.26
C TYR A 244 -2.40 21.18 20.86
N VAL A 245 -1.66 20.27 20.21
CA VAL A 245 -2.19 19.02 19.73
C VAL A 245 -2.41 18.01 20.85
N GLY A 246 -1.51 18.01 21.82
CA GLY A 246 -1.63 17.06 22.91
C GLY A 246 -0.63 15.93 22.73
N SER A 247 -0.14 15.76 21.50
CA SER A 247 0.84 14.72 21.22
C SER A 247 2.19 15.43 21.11
N MET A 248 3.11 15.14 22.03
CA MET A 248 4.41 15.80 22.01
C MET A 248 5.09 15.78 20.65
N VAL A 249 5.15 14.62 20.01
CA VAL A 249 5.80 14.52 18.70
C VAL A 249 5.21 15.54 17.73
N ALA A 250 3.89 15.65 17.70
CA ALA A 250 3.24 16.61 16.81
C ALA A 250 3.56 18.05 17.19
N ASP A 251 3.45 18.39 18.47
CA ASP A 251 3.72 19.75 18.90
C ASP A 251 5.19 20.16 18.72
N VAL A 252 6.12 19.26 19.02
CA VAL A 252 7.52 19.58 18.87
C VAL A 252 7.88 19.76 17.40
N HIS A 253 7.32 18.90 16.55
CA HIS A 253 7.59 18.99 15.13
C HIS A 253 7.09 20.30 14.53
N ARG A 254 5.91 20.74 14.97
CA ARG A 254 5.37 21.98 14.45
C ARG A 254 6.36 23.08 14.82
N THR A 255 6.78 23.07 16.08
CA THR A 255 7.72 24.06 16.58
C THR A 255 8.97 24.07 15.74
N LEU A 256 9.50 22.88 15.43
CA LEU A 256 10.71 22.79 14.62
C LEU A 256 10.49 23.43 13.25
N VAL A 257 9.39 23.05 12.60
CA VAL A 257 9.08 23.56 11.27
C VAL A 257 8.65 25.03 11.22
N TYR A 258 7.75 25.45 12.12
CA TYR A 258 7.30 26.82 12.10
C TYR A 258 7.97 27.74 13.13
N GLY A 259 8.74 27.15 14.03
CA GLY A 259 9.41 27.95 15.03
C GLY A 259 8.42 28.25 16.14
N GLY A 260 8.87 28.91 17.20
CA GLY A 260 7.97 29.21 18.30
C GLY A 260 8.43 28.56 19.59
N ILE A 261 7.49 28.26 20.46
CA ILE A 261 7.83 27.67 21.74
C ILE A 261 6.83 26.61 22.21
N PHE A 262 7.35 25.56 22.83
CA PHE A 262 6.52 24.49 23.33
C PHE A 262 6.80 24.33 24.83
N LEU A 263 5.76 24.18 25.62
CA LEU A 263 5.96 24.03 27.06
C LEU A 263 5.09 22.98 27.75
N TYR A 264 5.71 22.30 28.71
CA TYR A 264 5.05 21.33 29.57
C TYR A 264 5.87 21.51 30.84
N PRO A 265 5.66 22.65 31.53
CA PRO A 265 6.36 23.00 32.75
C PRO A 265 5.81 22.30 33.97
N ALA A 266 6.51 22.47 35.08
CA ALA A 266 6.08 21.88 36.32
C ALA A 266 5.03 22.83 36.89
N ASN A 267 4.15 22.32 37.74
CA ASN A 267 3.14 23.15 38.37
C ASN A 267 3.12 22.83 39.86
N LYS A 268 2.02 23.13 40.53
CA LYS A 268 1.95 22.87 41.96
C LYS A 268 1.84 21.37 42.24
N LYS A 269 0.95 20.72 41.50
CA LYS A 269 0.71 19.28 41.64
C LYS A 269 1.87 18.46 41.08
N SER A 270 2.49 18.97 40.02
CA SER A 270 3.61 18.30 39.34
C SER A 270 4.87 19.17 39.40
N PRO A 271 5.61 19.10 40.51
CA PRO A 271 6.84 19.88 40.69
C PRO A 271 7.98 19.58 39.71
N ASN A 272 8.03 18.37 39.17
CA ASN A 272 9.10 18.02 38.23
C ASN A 272 8.56 17.84 36.81
N GLY A 273 7.34 18.31 36.58
CA GLY A 273 6.78 18.20 35.25
C GLY A 273 6.06 16.88 35.07
N LYS A 274 5.59 16.65 33.84
CA LYS A 274 4.86 15.43 33.54
C LYS A 274 5.61 14.54 32.55
N LEU A 275 6.24 15.16 31.55
CA LEU A 275 6.99 14.40 30.54
C LEU A 275 8.19 13.71 31.15
N ARG A 276 8.57 12.57 30.56
CA ARG A 276 9.71 11.77 31.01
C ARG A 276 11.03 12.29 30.44
N LEU A 277 12.07 12.32 31.28
CA LEU A 277 13.35 12.84 30.84
C LEU A 277 14.12 11.97 29.84
N LEU A 278 14.26 10.68 30.15
CA LEU A 278 15.00 9.76 29.30
C LEU A 278 14.52 9.59 27.86
N TYR A 279 13.23 9.34 27.67
CA TYR A 279 12.71 9.10 26.34
C TYR A 279 11.76 10.13 25.72
N GLU A 280 11.50 11.24 26.41
CA GLU A 280 10.63 12.25 25.82
C GLU A 280 11.34 13.60 25.77
N CYS A 281 11.87 14.03 26.91
CA CYS A 281 12.56 15.31 26.99
C CYS A 281 13.93 15.36 26.31
N ASN A 282 14.84 14.48 26.73
CA ASN A 282 16.18 14.48 26.15
C ASN A 282 16.20 14.37 24.63
N PRO A 283 15.51 13.34 24.07
CA PRO A 283 15.50 13.21 22.62
C PRO A 283 15.11 14.52 21.94
N MET A 284 14.00 15.08 22.37
CA MET A 284 13.53 16.32 21.78
C MET A 284 14.49 17.47 22.04
N ALA A 285 15.08 17.49 23.24
CA ALA A 285 16.03 18.54 23.58
C ALA A 285 17.24 18.47 22.64
N TYR A 286 17.73 17.26 22.42
CA TYR A 286 18.87 17.04 21.54
C TYR A 286 18.57 17.52 20.12
N VAL A 287 17.40 17.15 19.61
CA VAL A 287 17.01 17.54 18.27
C VAL A 287 16.96 19.06 18.16
N MET A 288 16.34 19.72 19.15
CA MET A 288 16.25 21.17 19.12
C MET A 288 17.62 21.83 19.11
N GLU A 289 18.51 21.44 20.02
CA GLU A 289 19.83 22.05 20.06
C GLU A 289 20.62 21.88 18.76
N LYS A 290 20.55 20.71 18.16
CA LYS A 290 21.27 20.48 16.91
C LYS A 290 20.67 21.28 15.76
N ALA A 291 19.42 21.69 15.92
CA ALA A 291 18.74 22.48 14.90
C ALA A 291 18.82 23.97 15.23
N GLY A 292 19.64 24.30 16.24
CA GLY A 292 19.81 25.68 16.63
C GLY A 292 18.76 26.21 17.60
N GLY A 293 18.03 25.31 18.26
CA GLY A 293 17.02 25.73 19.20
C GLY A 293 17.48 25.52 20.63
N MET A 294 16.58 25.68 21.59
CA MET A 294 16.93 25.51 23.00
C MET A 294 15.93 24.62 23.71
N ALA A 295 16.36 24.04 24.83
CA ALA A 295 15.53 23.16 25.63
C ALA A 295 15.94 23.30 27.10
N THR A 296 15.10 23.97 27.89
CA THR A 296 15.42 24.19 29.29
C THR A 296 14.33 23.64 30.21
N THR A 297 14.70 23.40 31.47
CA THR A 297 13.75 22.92 32.47
C THR A 297 13.34 24.16 33.27
N GLY A 298 14.01 25.26 32.97
CA GLY A 298 13.77 26.52 33.64
C GLY A 298 14.97 26.83 34.50
N LYS A 299 15.50 25.78 35.12
CA LYS A 299 16.66 25.89 36.00
C LYS A 299 17.96 25.57 35.24
N GLU A 300 17.85 24.71 34.23
CA GLU A 300 19.03 24.31 33.45
C GLU A 300 18.65 23.66 32.14
N ALA A 301 19.66 23.47 31.29
CA ALA A 301 19.45 22.82 30.00
C ALA A 301 19.01 21.39 30.25
N VAL A 302 17.95 20.97 29.58
CA VAL A 302 17.45 19.61 29.73
C VAL A 302 18.56 18.58 29.58
N LEU A 303 19.40 18.76 28.56
CA LEU A 303 20.52 17.87 28.29
C LEU A 303 21.53 17.74 29.44
N ASP A 304 21.59 18.74 30.32
CA ASP A 304 22.55 18.70 31.43
C ASP A 304 22.06 17.98 32.69
N VAL A 305 20.76 17.72 32.77
CA VAL A 305 20.20 17.04 33.92
C VAL A 305 20.76 15.63 34.02
N ILE A 306 21.32 15.27 35.17
CA ILE A 306 21.83 13.91 35.36
C ILE A 306 20.70 13.09 35.98
N PRO A 307 20.14 12.13 35.23
CA PRO A 307 19.06 11.29 35.75
C PRO A 307 19.49 10.34 36.85
N THR A 308 18.54 9.95 37.69
CA THR A 308 18.80 9.00 38.78
C THR A 308 17.79 7.87 38.67
N ASP A 309 16.71 8.11 37.94
CA ASP A 309 15.65 7.10 37.72
C ASP A 309 15.25 7.11 36.24
N ILE A 310 15.29 5.94 35.59
CA ILE A 310 14.95 5.86 34.17
C ILE A 310 13.59 6.42 33.78
N HIS A 311 12.64 6.48 34.71
CA HIS A 311 11.32 7.02 34.39
C HIS A 311 11.04 8.36 35.06
N GLN A 312 12.09 9.04 35.52
CA GLN A 312 11.87 10.32 36.17
C GLN A 312 11.34 11.38 35.21
N ARG A 313 10.53 12.26 35.76
CA ARG A 313 9.92 13.34 34.98
C ARG A 313 10.84 14.56 34.92
N ALA A 314 10.53 15.50 34.03
CA ALA A 314 11.32 16.71 33.91
C ALA A 314 10.52 17.80 33.20
N PRO A 315 10.54 19.02 33.74
CA PRO A 315 9.79 20.09 33.08
C PRO A 315 10.55 20.44 31.80
N VAL A 316 9.86 20.99 30.80
CA VAL A 316 10.54 21.32 29.54
C VAL A 316 9.92 22.47 28.78
N ILE A 317 10.76 23.41 28.36
CA ILE A 317 10.35 24.56 27.57
C ILE A 317 11.37 24.53 26.43
N LEU A 318 10.89 24.35 25.20
CA LEU A 318 11.78 24.28 24.07
C LEU A 318 11.24 24.96 22.81
N GLY A 319 12.12 25.15 21.83
CA GLY A 319 11.73 25.80 20.58
C GLY A 319 12.73 26.84 20.11
N SER A 320 12.22 27.86 19.41
CA SER A 320 13.04 28.94 18.91
C SER A 320 13.86 29.55 20.05
N PRO A 321 15.15 29.83 19.79
CA PRO A 321 16.06 30.42 20.79
C PRO A 321 15.54 31.71 21.45
N ASP A 322 15.18 32.69 20.63
CA ASP A 322 14.70 33.95 21.15
C ASP A 322 13.48 33.77 22.04
N ASP A 323 12.67 32.76 21.75
CA ASP A 323 11.47 32.52 22.53
C ASP A 323 11.78 31.85 23.86
N VAL A 324 12.67 30.86 23.85
CA VAL A 324 13.05 30.16 25.07
C VAL A 324 13.75 31.18 25.97
N LEU A 325 14.65 31.95 25.36
CA LEU A 325 15.41 32.99 26.07
C LEU A 325 14.46 33.97 26.75
N GLU A 326 13.38 34.35 26.06
CA GLU A 326 12.44 35.28 26.64
C GLU A 326 11.76 34.63 27.84
N PHE A 327 11.44 33.35 27.74
CA PHE A 327 10.81 32.67 28.86
C PHE A 327 11.76 32.70 30.04
N LEU A 328 13.03 32.37 29.78
CA LEU A 328 14.04 32.36 30.82
C LEU A 328 14.16 33.69 31.55
N LYS A 329 14.01 34.80 30.81
CA LYS A 329 14.09 36.11 31.45
C LYS A 329 12.94 36.26 32.44
N VAL A 330 11.75 35.81 32.04
CA VAL A 330 10.58 35.88 32.90
C VAL A 330 10.76 34.93 34.08
N TYR A 331 11.33 33.77 33.81
CA TYR A 331 11.54 32.77 34.85
C TYR A 331 12.47 33.33 35.92
N GLU A 332 13.53 34.01 35.51
CA GLU A 332 14.49 34.58 36.45
C GLU A 332 13.85 35.73 37.24
N LYS A 333 12.99 36.50 36.59
CA LYS A 333 12.30 37.61 37.26
C LYS A 333 11.54 37.05 38.48
N HIS A 334 11.14 35.78 38.39
CA HIS A 334 10.42 35.12 39.47
C HIS A 334 11.32 34.23 40.31
N SER A 335 12.61 34.51 40.32
CA SER A 335 13.58 33.71 41.08
C SER A 335 14.59 34.59 41.79
N ASP B 9 -21.06 -9.23 11.16
CA ASP B 9 -21.06 -9.04 9.68
C ASP B 9 -20.38 -7.74 9.27
N VAL B 10 -19.22 -7.87 8.63
CA VAL B 10 -18.48 -6.71 8.19
C VAL B 10 -19.33 -5.86 7.25
N ASN B 11 -19.07 -4.57 7.23
CA ASN B 11 -19.82 -3.69 6.36
C ASN B 11 -18.89 -2.62 5.84
N THR B 12 -19.07 -2.27 4.58
CA THR B 12 -18.25 -1.25 3.96
C THR B 12 -19.08 -0.02 3.63
N LEU B 13 -18.41 1.10 3.37
CA LEU B 13 -19.11 2.32 3.00
C LEU B 13 -19.96 2.07 1.74
N THR B 14 -19.35 1.38 0.77
CA THR B 14 -20.03 1.06 -0.48
C THR B 14 -21.30 0.24 -0.27
N ARG B 15 -21.20 -0.82 0.52
CA ARG B 15 -22.34 -1.68 0.79
C ARG B 15 -23.42 -0.91 1.55
N PHE B 16 -22.99 -0.13 2.55
CA PHE B 16 -23.88 0.67 3.38
C PHE B 16 -24.69 1.65 2.52
N VAL B 17 -24.00 2.50 1.78
CA VAL B 17 -24.66 3.48 0.94
C VAL B 17 -25.57 2.83 -0.12
N MET B 18 -25.17 1.68 -0.66
CA MET B 18 -26.00 1.04 -1.67
C MET B 18 -27.33 0.59 -1.04
N GLU B 19 -27.25 0.04 0.19
CA GLU B 19 -28.45 -0.44 0.89
C GLU B 19 -29.36 0.72 1.24
N GLU B 20 -28.83 1.73 1.90
CA GLU B 20 -29.67 2.88 2.26
C GLU B 20 -30.26 3.53 1.02
N GLY B 21 -29.52 3.51 -0.08
CA GLY B 21 -30.02 4.09 -1.31
C GLY B 21 -31.14 3.26 -1.88
N ARG B 22 -31.01 1.94 -1.78
CA ARG B 22 -32.04 1.08 -2.29
C ARG B 22 -33.33 1.25 -1.53
N LYS B 23 -33.22 1.41 -0.21
CA LYS B 23 -34.40 1.58 0.61
C LYS B 23 -35.12 2.88 0.26
N ALA B 24 -34.35 3.91 -0.09
CA ALA B 24 -34.94 5.20 -0.46
C ALA B 24 -35.80 5.10 -1.71
N ARG B 25 -35.54 4.09 -2.55
CA ARG B 25 -36.29 3.88 -3.77
C ARG B 25 -36.33 5.14 -4.65
N GLY B 26 -35.15 5.66 -4.97
CA GLY B 26 -35.05 6.84 -5.80
C GLY B 26 -34.32 6.58 -7.11
N THR B 27 -33.68 7.60 -7.66
CA THR B 27 -32.96 7.46 -8.92
C THR B 27 -31.64 6.72 -8.76
N GLY B 28 -31.09 6.73 -7.55
CA GLY B 28 -29.81 6.09 -7.30
C GLY B 28 -28.66 7.08 -7.43
N GLU B 29 -29.01 8.34 -7.71
CA GLU B 29 -28.02 9.40 -7.87
C GLU B 29 -27.14 9.63 -6.65
N LEU B 30 -27.75 9.85 -5.49
CA LEU B 30 -26.97 10.09 -4.28
C LEU B 30 -25.99 8.95 -4.04
N THR B 31 -26.41 7.73 -4.35
CA THR B 31 -25.52 6.59 -4.18
C THR B 31 -24.30 6.76 -5.07
N GLN B 32 -24.52 7.16 -6.32
CA GLN B 32 -23.39 7.36 -7.23
C GLN B 32 -22.53 8.53 -6.77
N LEU B 33 -23.16 9.58 -6.28
CA LEU B 33 -22.41 10.73 -5.81
C LEU B 33 -21.47 10.33 -4.67
N LEU B 34 -22.01 9.67 -3.65
CA LEU B 34 -21.19 9.26 -2.51
C LEU B 34 -20.10 8.27 -2.90
N ASN B 35 -20.39 7.37 -3.84
CA ASN B 35 -19.38 6.42 -4.28
C ASN B 35 -18.22 7.21 -4.86
N SER B 36 -18.57 8.18 -5.69
CA SER B 36 -17.58 9.01 -6.34
C SER B 36 -16.75 9.82 -5.35
N LEU B 37 -17.41 10.41 -4.38
CA LEU B 37 -16.73 11.20 -3.37
C LEU B 37 -15.77 10.28 -2.59
N CYS B 38 -16.24 9.08 -2.29
CA CYS B 38 -15.47 8.10 -1.57
C CYS B 38 -14.17 7.75 -2.32
N THR B 39 -14.28 7.51 -3.62
CA THR B 39 -13.10 7.20 -4.42
C THR B 39 -12.14 8.39 -4.40
N ALA B 40 -12.68 9.60 -4.50
CA ALA B 40 -11.83 10.78 -4.48
C ALA B 40 -11.09 10.86 -3.15
N VAL B 41 -11.80 10.64 -2.05
CA VAL B 41 -11.15 10.69 -0.74
C VAL B 41 -10.00 9.70 -0.66
N LYS B 42 -10.17 8.50 -1.23
CA LYS B 42 -9.11 7.51 -1.19
C LYS B 42 -7.92 8.05 -1.95
N ALA B 43 -8.20 8.66 -3.11
CA ALA B 43 -7.15 9.24 -3.93
C ALA B 43 -6.43 10.34 -3.15
N ILE B 44 -7.19 11.22 -2.50
CA ILE B 44 -6.59 12.30 -1.72
C ILE B 44 -5.72 11.71 -0.61
N SER B 45 -6.25 10.71 0.08
CA SER B 45 -5.51 10.05 1.16
C SER B 45 -4.15 9.55 0.67
N SER B 46 -4.15 8.86 -0.46
CA SER B 46 -2.91 8.33 -1.01
C SER B 46 -1.91 9.46 -1.21
N ALA B 47 -2.37 10.55 -1.83
CA ALA B 47 -1.53 11.71 -2.09
C ALA B 47 -1.05 12.35 -0.78
N VAL B 48 -1.97 12.55 0.16
CA VAL B 48 -1.61 13.14 1.43
C VAL B 48 -0.52 12.36 2.17
N ARG B 49 -0.59 11.03 2.13
CA ARG B 49 0.44 10.23 2.81
C ARG B 49 1.74 10.16 1.98
N LYS B 50 1.84 11.01 0.97
CA LYS B 50 3.02 11.11 0.12
C LYS B 50 3.41 9.93 -0.76
N ALA B 51 2.44 9.18 -1.24
CA ALA B 51 2.73 8.05 -2.11
C ALA B 51 3.42 8.57 -3.35
N GLY B 52 4.54 7.95 -3.70
CA GLY B 52 5.27 8.34 -4.90
C GLY B 52 6.18 9.54 -4.77
N ILE B 53 6.27 10.12 -3.57
CA ILE B 53 7.12 11.29 -3.39
C ILE B 53 8.58 11.04 -3.85
N ALA B 54 9.00 9.78 -3.84
CA ALA B 54 10.35 9.44 -4.28
C ALA B 54 10.60 9.94 -5.71
N HIS B 55 9.58 9.83 -6.56
CA HIS B 55 9.72 10.28 -7.95
C HIS B 55 9.89 11.79 -7.99
N LEU B 56 9.25 12.47 -7.05
CA LEU B 56 9.32 13.91 -6.96
C LEU B 56 10.76 14.29 -6.62
N TYR B 57 11.45 13.42 -5.91
CA TYR B 57 12.82 13.70 -5.52
C TYR B 57 13.89 12.99 -6.36
N GLY B 58 13.53 12.66 -7.59
CA GLY B 58 14.46 12.06 -8.54
C GLY B 58 14.90 10.62 -8.43
N ILE B 59 14.10 9.75 -7.84
CA ILE B 59 14.50 8.35 -7.73
C ILE B 59 14.78 7.79 -9.13
N ALA B 60 14.02 8.26 -10.12
CA ALA B 60 14.19 7.79 -11.50
C ALA B 60 14.91 8.79 -12.40
N GLY B 61 15.62 9.74 -11.78
CA GLY B 61 16.36 10.74 -12.55
C GLY B 61 15.64 12.08 -12.63
N LYS B 71 1.97 18.96 -8.91
CA LYS B 71 1.22 20.14 -8.48
C LYS B 71 0.96 20.09 -6.98
N LYS B 72 0.48 21.21 -6.44
CA LYS B 72 0.17 21.30 -5.02
C LYS B 72 -0.95 20.34 -4.63
N LEU B 73 -0.90 19.89 -3.39
CA LEU B 73 -1.87 18.95 -2.84
C LEU B 73 -3.30 19.47 -2.88
N ASP B 74 -3.49 20.72 -2.49
CA ASP B 74 -4.85 21.26 -2.50
C ASP B 74 -5.41 21.32 -3.90
N VAL B 75 -4.60 21.70 -4.87
CA VAL B 75 -5.06 21.75 -6.25
C VAL B 75 -5.47 20.37 -6.73
N LEU B 76 -4.60 19.39 -6.50
CA LEU B 76 -4.85 18.02 -6.89
C LEU B 76 -6.12 17.49 -6.21
N SER B 77 -6.26 17.78 -4.92
CA SER B 77 -7.40 17.33 -4.16
C SER B 77 -8.68 17.90 -4.73
N ASN B 78 -8.64 19.18 -5.09
CA ASN B 78 -9.81 19.83 -5.65
C ASN B 78 -10.14 19.22 -6.99
N ASP B 79 -9.11 18.91 -7.79
CA ASP B 79 -9.34 18.30 -9.09
C ASP B 79 -10.00 16.94 -8.97
N LEU B 80 -9.55 16.14 -8.00
CA LEU B 80 -10.10 14.82 -7.78
C LEU B 80 -11.59 14.87 -7.41
N VAL B 81 -11.94 15.69 -6.42
CA VAL B 81 -13.34 15.79 -6.02
C VAL B 81 -14.19 16.33 -7.17
N MET B 82 -13.70 17.40 -7.79
CA MET B 82 -14.39 18.03 -8.91
C MET B 82 -14.69 17.03 -10.04
N ASN B 83 -13.65 16.33 -10.47
CA ASN B 83 -13.84 15.39 -11.55
C ASN B 83 -14.68 14.18 -11.18
N MET B 84 -14.45 13.62 -10.00
CA MET B 84 -15.23 12.47 -9.59
C MET B 84 -16.70 12.84 -9.43
N LEU B 85 -16.97 14.03 -8.91
CA LEU B 85 -18.34 14.47 -8.74
C LEU B 85 -19.01 14.74 -10.08
N LYS B 86 -18.33 15.48 -10.95
CA LYS B 86 -18.89 15.76 -12.27
C LYS B 86 -19.22 14.45 -12.99
N SER B 87 -18.26 13.54 -13.03
CA SER B 87 -18.44 12.26 -13.71
C SER B 87 -19.44 11.30 -13.05
N SER B 88 -20.02 11.69 -11.93
CA SER B 88 -21.00 10.84 -11.25
C SER B 88 -22.39 10.99 -11.89
N PHE B 89 -22.59 12.13 -12.57
CA PHE B 89 -23.86 12.45 -13.22
C PHE B 89 -24.95 12.70 -12.18
N ALA B 90 -24.53 12.97 -10.93
CA ALA B 90 -25.46 13.20 -9.85
C ALA B 90 -25.45 14.64 -9.32
N THR B 91 -24.63 15.48 -9.92
CA THR B 91 -24.53 16.88 -9.48
C THR B 91 -24.79 17.88 -10.59
N CYS B 92 -25.02 19.13 -10.20
CA CYS B 92 -25.26 20.19 -11.16
C CYS B 92 -24.55 21.47 -10.76
N VAL B 93 -24.33 21.65 -9.45
CA VAL B 93 -23.66 22.84 -8.91
C VAL B 93 -22.62 22.45 -7.86
N LEU B 94 -21.37 22.81 -8.09
CA LEU B 94 -20.29 22.48 -7.18
C LEU B 94 -19.62 23.72 -6.59
N VAL B 95 -19.57 23.80 -5.27
CA VAL B 95 -18.91 24.94 -4.60
C VAL B 95 -17.72 24.40 -3.83
N SER B 96 -16.55 24.96 -4.09
CA SER B 96 -15.33 24.54 -3.42
C SER B 96 -14.54 25.72 -2.90
N GLU B 97 -13.87 25.56 -1.75
CA GLU B 97 -13.07 26.66 -1.20
C GLU B 97 -12.10 27.13 -2.28
N GLU B 98 -11.58 26.18 -3.06
CA GLU B 98 -10.61 26.45 -4.12
C GLU B 98 -11.01 27.39 -5.22
N ASP B 99 -12.29 27.40 -5.59
CA ASP B 99 -12.77 28.23 -6.69
C ASP B 99 -13.60 29.44 -6.25
N LYS B 100 -13.38 30.59 -6.89
CA LYS B 100 -14.09 31.82 -6.58
C LYS B 100 -15.58 31.72 -6.91
N HIS B 101 -15.90 31.13 -8.05
CA HIS B 101 -17.29 31.00 -8.44
C HIS B 101 -17.73 29.55 -8.41
N ALA B 102 -19.02 29.34 -8.22
CA ALA B 102 -19.54 27.98 -8.18
C ALA B 102 -19.29 27.40 -9.56
N ILE B 103 -19.03 26.11 -9.62
CA ILE B 103 -18.81 25.46 -10.91
C ILE B 103 -20.15 24.85 -11.35
N ILE B 104 -20.56 25.16 -12.57
CA ILE B 104 -21.80 24.62 -13.09
C ILE B 104 -21.45 23.42 -13.99
N VAL B 105 -21.93 22.25 -13.58
CA VAL B 105 -21.70 21.00 -14.31
C VAL B 105 -22.25 21.09 -15.72
N GLU B 106 -21.48 20.66 -16.71
CA GLU B 106 -21.97 20.72 -18.09
C GLU B 106 -23.29 19.98 -18.17
N PRO B 107 -24.19 20.41 -19.05
CA PRO B 107 -25.52 19.81 -19.24
C PRO B 107 -25.58 18.29 -19.36
N GLU B 108 -24.67 17.71 -20.12
CA GLU B 108 -24.68 16.27 -20.33
C GLU B 108 -24.25 15.40 -19.15
N LYS B 109 -23.94 16.03 -18.02
CA LYS B 109 -23.50 15.30 -16.84
C LYS B 109 -24.21 15.74 -15.57
N ARG B 110 -25.27 16.52 -15.73
CA ARG B 110 -25.99 17.04 -14.57
C ARG B 110 -26.85 16.05 -13.80
N GLY B 111 -26.84 16.22 -12.49
CA GLY B 111 -27.61 15.40 -11.58
C GLY B 111 -28.39 16.39 -10.76
N LYS B 112 -29.17 15.91 -9.81
CA LYS B 112 -30.01 16.82 -9.01
C LYS B 112 -29.39 17.32 -7.70
N TYR B 113 -28.14 16.95 -7.44
CA TYR B 113 -27.50 17.37 -6.21
C TYR B 113 -26.51 18.51 -6.34
N VAL B 114 -26.38 19.28 -5.26
CA VAL B 114 -25.46 20.41 -5.18
C VAL B 114 -24.48 20.00 -4.11
N VAL B 115 -23.20 20.25 -4.33
CA VAL B 115 -22.21 19.89 -3.33
C VAL B 115 -21.26 21.03 -3.03
N CYS B 116 -21.06 21.26 -1.74
CA CYS B 116 -20.16 22.30 -1.26
C CYS B 116 -19.06 21.53 -0.53
N PHE B 117 -17.81 21.89 -0.77
CA PHE B 117 -16.74 21.18 -0.11
C PHE B 117 -15.42 21.90 -0.06
N ASP B 118 -14.57 21.48 0.87
CA ASP B 118 -13.24 22.01 1.01
C ASP B 118 -12.43 20.75 0.69
N PRO B 119 -11.79 20.71 -0.48
CA PRO B 119 -10.99 19.57 -0.94
C PRO B 119 -9.89 19.14 0.03
N LEU B 120 -9.25 20.12 0.65
CA LEU B 120 -8.17 19.82 1.57
C LEU B 120 -8.10 20.88 2.65
N ASP B 121 -8.81 20.61 3.74
CA ASP B 121 -8.85 21.51 4.88
C ASP B 121 -7.57 21.43 5.68
N GLY B 122 -7.07 22.59 6.08
CA GLY B 122 -5.85 22.65 6.87
C GLY B 122 -4.63 22.60 5.98
N SER B 123 -4.85 22.64 4.66
CA SER B 123 -3.77 22.59 3.68
C SER B 123 -2.75 23.72 3.83
N SER B 124 -3.15 24.83 4.44
CA SER B 124 -2.25 25.95 4.62
C SER B 124 -1.09 25.63 5.59
N ASN B 125 -1.36 24.77 6.57
CA ASN B 125 -0.35 24.37 7.55
C ASN B 125 0.00 22.89 7.37
N ILE B 126 -0.05 22.41 6.12
CA ILE B 126 0.25 21.01 5.82
C ILE B 126 1.75 20.72 5.90
N ASP B 127 2.57 21.76 5.74
CA ASP B 127 4.02 21.62 5.76
C ASP B 127 4.57 21.03 7.06
N CYS B 128 3.75 21.03 8.11
CA CYS B 128 4.17 20.49 9.40
C CYS B 128 3.59 19.09 9.64
N LEU B 129 2.93 18.56 8.61
CA LEU B 129 2.33 17.23 8.66
C LEU B 129 1.16 17.16 9.62
N VAL B 130 0.55 18.30 9.91
CA VAL B 130 -0.60 18.35 10.79
C VAL B 130 -1.76 17.64 10.08
N SER B 131 -2.73 17.16 10.84
CA SER B 131 -3.87 16.50 10.22
C SER B 131 -4.57 17.44 9.23
N VAL B 132 -5.15 16.85 8.20
CA VAL B 132 -5.87 17.62 7.20
C VAL B 132 -7.09 16.78 6.86
N GLY B 133 -8.06 17.38 6.17
CA GLY B 133 -9.25 16.62 5.84
C GLY B 133 -10.05 17.20 4.70
N THR B 134 -11.15 16.53 4.38
CA THR B 134 -12.03 16.97 3.31
C THR B 134 -13.42 17.09 3.92
N ILE B 135 -14.02 18.28 3.81
CA ILE B 135 -15.34 18.49 4.36
C ILE B 135 -16.31 18.60 3.18
N PHE B 136 -17.53 18.08 3.35
CA PHE B 136 -18.52 18.16 2.29
C PHE B 136 -19.95 18.25 2.78
N GLY B 137 -20.78 18.93 1.99
CA GLY B 137 -22.17 19.10 2.33
C GLY B 137 -22.99 18.89 1.07
N ILE B 138 -24.02 18.07 1.15
CA ILE B 138 -24.84 17.79 -0.02
C ILE B 138 -26.29 18.26 0.11
N TYR B 139 -26.74 19.07 -0.86
CA TYR B 139 -28.13 19.56 -0.88
C TYR B 139 -28.81 19.05 -2.16
N ARG B 140 -30.13 19.08 -2.16
CA ARG B 140 -30.86 18.66 -3.36
C ARG B 140 -31.23 19.96 -4.05
N LYS B 141 -31.06 20.04 -5.37
CA LYS B 141 -31.42 21.26 -6.05
C LYS B 141 -32.92 21.46 -5.89
N LYS B 142 -33.36 22.58 -5.33
CA LYS B 142 -34.80 22.77 -5.17
C LYS B 142 -35.43 23.29 -6.45
N SER B 143 -34.97 24.46 -6.88
CA SER B 143 -35.47 25.14 -8.07
C SER B 143 -35.62 24.29 -9.33
N THR B 144 -36.21 24.89 -10.36
CA THR B 144 -36.44 24.23 -11.64
C THR B 144 -35.77 24.99 -12.79
N ASP B 145 -35.00 26.03 -12.46
CA ASP B 145 -34.32 26.83 -13.46
C ASP B 145 -32.90 26.36 -13.78
N GLU B 146 -32.16 27.15 -14.56
CA GLU B 146 -30.82 26.73 -14.94
C GLU B 146 -29.93 26.75 -13.71
N PRO B 147 -29.12 25.71 -13.53
CA PRO B 147 -28.23 25.66 -12.37
C PRO B 147 -27.33 26.88 -12.26
N SER B 148 -27.23 27.40 -11.04
CA SER B 148 -26.40 28.57 -10.78
C SER B 148 -25.94 28.57 -9.34
N GLU B 149 -25.08 29.53 -9.00
CA GLU B 149 -24.54 29.65 -7.66
C GLU B 149 -25.68 29.78 -6.65
N LYS B 150 -26.81 30.29 -7.10
CA LYS B 150 -27.96 30.48 -6.23
C LYS B 150 -28.43 29.17 -5.58
N ASP B 151 -28.21 28.05 -6.27
CA ASP B 151 -28.63 26.75 -5.78
C ASP B 151 -27.82 26.24 -4.60
N ALA B 152 -26.71 26.91 -4.30
CA ALA B 152 -25.86 26.51 -3.17
C ALA B 152 -26.20 27.36 -1.96
N LEU B 153 -27.07 28.34 -2.14
CA LEU B 153 -27.43 29.21 -1.04
C LEU B 153 -28.67 28.71 -0.29
N GLN B 154 -28.55 27.53 0.30
CA GLN B 154 -29.62 26.96 1.08
C GLN B 154 -29.18 26.86 2.54
N PRO B 155 -30.11 26.96 3.49
CA PRO B 155 -29.66 26.87 4.88
C PRO B 155 -29.25 25.42 5.18
N GLY B 156 -28.23 25.25 6.02
CA GLY B 156 -27.76 23.92 6.37
C GLY B 156 -28.86 22.94 6.72
N ARG B 157 -29.96 23.48 7.23
CA ARG B 157 -31.12 22.68 7.61
C ARG B 157 -31.62 21.81 6.45
N ASN B 158 -31.27 22.18 5.22
CA ASN B 158 -31.72 21.43 4.03
C ASN B 158 -30.76 20.32 3.59
N LEU B 159 -29.63 20.17 4.27
CA LEU B 159 -28.68 19.15 3.90
C LEU B 159 -29.29 17.74 3.84
N VAL B 160 -28.92 17.00 2.80
CA VAL B 160 -29.39 15.63 2.57
C VAL B 160 -28.36 14.67 3.13
N ALA B 161 -27.12 15.13 3.17
CA ALA B 161 -26.02 14.33 3.68
C ALA B 161 -24.83 15.26 3.85
N ALA B 162 -23.91 14.90 4.74
CA ALA B 162 -22.74 15.72 4.98
C ALA B 162 -21.77 14.94 5.84
N GLY B 163 -20.52 15.37 5.82
CA GLY B 163 -19.53 14.69 6.61
C GLY B 163 -18.14 15.14 6.23
N TYR B 164 -17.14 14.37 6.64
CA TYR B 164 -15.78 14.73 6.33
C TYR B 164 -14.89 13.50 6.32
N ALA B 165 -13.69 13.70 5.79
CA ALA B 165 -12.68 12.65 5.72
C ALA B 165 -11.53 13.19 6.54
N LEU B 166 -11.11 12.45 7.55
CA LEU B 166 -9.99 12.89 8.35
C LEU B 166 -8.73 12.12 7.97
N TYR B 167 -7.70 12.87 7.57
CA TYR B 167 -6.42 12.27 7.21
C TYR B 167 -5.47 12.43 8.39
N GLY B 168 -5.70 11.63 9.44
CA GLY B 168 -4.86 11.72 10.62
C GLY B 168 -3.91 10.55 10.71
N SER B 169 -3.76 9.98 11.90
CA SER B 169 -2.88 8.82 12.05
C SER B 169 -3.42 7.74 11.11
N ALA B 170 -4.73 7.76 10.93
CA ALA B 170 -5.42 6.84 10.03
C ALA B 170 -6.43 7.71 9.29
N THR B 171 -6.93 7.22 8.16
CA THR B 171 -7.91 7.97 7.41
C THR B 171 -9.30 7.46 7.73
N MET B 172 -10.17 8.36 8.15
CA MET B 172 -11.54 8.00 8.47
C MET B 172 -12.53 8.93 7.81
N LEU B 173 -13.66 8.36 7.39
CA LEU B 173 -14.71 9.16 6.77
C LEU B 173 -15.95 9.09 7.64
N VAL B 174 -16.38 10.24 8.10
CA VAL B 174 -17.57 10.33 8.92
C VAL B 174 -18.71 10.76 8.02
N LEU B 175 -19.73 9.92 7.89
CA LEU B 175 -20.85 10.25 7.04
C LEU B 175 -22.11 10.40 7.85
N ALA B 176 -22.74 11.57 7.72
CA ALA B 176 -23.98 11.84 8.44
C ALA B 176 -25.11 12.06 7.45
N MET B 177 -26.21 11.35 7.70
CA MET B 177 -27.40 11.46 6.87
C MET B 177 -28.58 11.48 7.82
N ASP B 178 -29.78 11.59 7.26
CA ASP B 178 -30.99 11.65 8.05
C ASP B 178 -31.08 10.52 9.08
N CYS B 179 -30.55 9.34 8.73
CA CYS B 179 -30.61 8.19 9.65
C CYS B 179 -29.52 8.13 10.72
N GLY B 180 -28.65 9.14 10.77
CA GLY B 180 -27.62 9.14 11.78
C GLY B 180 -26.21 9.33 11.26
N VAL B 181 -25.23 9.15 12.15
CA VAL B 181 -23.82 9.30 11.79
C VAL B 181 -23.06 7.97 11.87
N ASN B 182 -22.28 7.68 10.84
CA ASN B 182 -21.50 6.44 10.81
C ASN B 182 -20.06 6.71 10.44
N CYS B 183 -19.14 6.00 11.10
CA CYS B 183 -17.72 6.17 10.83
C CYS B 183 -17.07 4.98 10.16
N PHE B 184 -16.30 5.26 9.11
CA PHE B 184 -15.62 4.23 8.35
C PHE B 184 -14.11 4.44 8.38
N MET B 185 -13.37 3.37 8.66
CA MET B 185 -11.93 3.44 8.70
C MET B 185 -11.45 2.96 7.33
N LEU B 186 -10.48 3.68 6.78
CA LEU B 186 -9.96 3.30 5.49
C LEU B 186 -8.84 2.28 5.65
N ASP B 187 -9.05 1.07 5.13
CA ASP B 187 -8.05 0.01 5.22
C ASP B 187 -7.14 0.15 3.99
N PRO B 188 -5.96 0.76 4.16
CA PRO B 188 -5.01 0.97 3.06
C PRO B 188 -4.65 -0.31 2.32
N ALA B 189 -4.68 -1.43 3.01
CA ALA B 189 -4.34 -2.72 2.41
C ALA B 189 -5.25 -3.09 1.24
N ILE B 190 -6.53 -2.77 1.33
CA ILE B 190 -7.47 -3.10 0.28
C ILE B 190 -8.28 -1.91 -0.25
N GLY B 191 -7.92 -0.71 0.18
CA GLY B 191 -8.62 0.48 -0.27
C GLY B 191 -10.10 0.35 -0.08
N GLU B 192 -10.51 -0.05 1.12
CA GLU B 192 -11.93 -0.21 1.43
C GLU B 192 -12.26 0.51 2.75
N PHE B 193 -13.37 1.24 2.77
CA PHE B 193 -13.81 1.94 3.99
C PHE B 193 -14.62 0.97 4.84
N ILE B 194 -14.07 0.55 5.96
CA ILE B 194 -14.73 -0.39 6.85
C ILE B 194 -15.53 0.31 7.96
N LEU B 195 -16.82 -0.02 8.05
CA LEU B 195 -17.69 0.57 9.07
C LEU B 195 -17.22 0.12 10.45
N VAL B 196 -16.81 1.07 11.29
CA VAL B 196 -16.33 0.73 12.62
C VAL B 196 -17.11 1.43 13.75
N ASP B 197 -18.09 2.24 13.39
CA ASP B 197 -18.91 2.94 14.36
C ASP B 197 -20.28 3.26 13.80
N LYS B 198 -21.30 2.52 14.26
CA LYS B 198 -22.66 2.72 13.80
C LYS B 198 -23.46 3.71 14.66
N ASP B 199 -24.33 4.47 13.99
CA ASP B 199 -25.20 5.46 14.65
C ASP B 199 -24.55 6.12 15.86
N VAL B 200 -23.43 6.79 15.61
CA VAL B 200 -22.65 7.49 16.64
C VAL B 200 -23.39 8.65 17.33
N LYS B 201 -23.14 8.80 18.62
CA LYS B 201 -23.74 9.87 19.42
C LYS B 201 -22.69 10.51 20.31
N ILE B 202 -22.61 11.84 20.27
CA ILE B 202 -21.65 12.57 21.07
C ILE B 202 -22.04 12.55 22.54
N LYS B 203 -21.04 12.64 23.42
CA LYS B 203 -21.27 12.64 24.86
C LYS B 203 -22.14 13.84 25.22
N LYS B 204 -23.01 13.68 26.23
CA LYS B 204 -23.89 14.76 26.66
C LYS B 204 -23.06 15.96 27.14
N LYS B 205 -21.93 15.66 27.78
CA LYS B 205 -21.03 16.70 28.27
C LYS B 205 -19.58 16.20 28.22
N GLY B 206 -18.66 17.09 27.90
CA GLY B 206 -17.26 16.70 27.81
C GLY B 206 -16.38 17.39 28.83
N LYS B 207 -15.08 17.25 28.64
CA LYS B 207 -14.09 17.85 29.54
C LYS B 207 -12.96 18.54 28.77
N ILE B 208 -13.21 18.84 27.49
CA ILE B 208 -12.22 19.49 26.62
C ILE B 208 -12.81 20.71 25.93
N TYR B 209 -12.07 21.82 25.91
CA TYR B 209 -12.54 23.02 25.21
C TYR B 209 -11.46 23.30 24.16
N SER B 210 -11.88 23.65 22.95
CA SER B 210 -10.93 23.87 21.87
C SER B 210 -11.14 25.17 21.07
N LEU B 211 -10.11 26.02 21.08
CA LEU B 211 -10.14 27.28 20.34
C LEU B 211 -8.76 27.95 20.39
N ASN B 212 -8.45 28.79 19.41
CA ASN B 212 -7.16 29.47 19.38
C ASN B 212 -7.18 30.63 20.39
N GLU B 213 -6.58 30.41 21.56
CA GLU B 213 -6.55 31.43 22.60
C GLU B 213 -5.63 32.59 22.28
N GLY B 214 -4.93 32.52 21.15
CA GLY B 214 -4.05 33.61 20.78
C GLY B 214 -4.87 34.86 20.54
N TYR B 215 -6.14 34.65 20.18
CA TYR B 215 -7.07 35.74 19.92
C TYR B 215 -7.68 36.30 21.20
N ALA B 216 -7.19 35.84 22.35
CA ALA B 216 -7.72 36.28 23.65
C ALA B 216 -7.94 37.79 23.73
N LYS B 217 -6.94 38.54 23.28
CA LYS B 217 -6.99 40.00 23.28
C LYS B 217 -8.22 40.56 22.57
N ASP B 218 -8.69 39.85 21.54
CA ASP B 218 -9.85 40.30 20.77
C ASP B 218 -11.16 39.58 21.06
N PHE B 219 -11.16 38.64 22.00
CA PHE B 219 -12.39 37.90 22.29
C PHE B 219 -13.58 38.71 22.73
N ASP B 220 -14.76 38.20 22.41
CA ASP B 220 -16.00 38.83 22.81
C ASP B 220 -16.10 38.48 24.30
N PRO B 221 -16.56 39.43 25.14
CA PRO B 221 -16.68 39.17 26.58
C PRO B 221 -17.31 37.81 26.95
N ALA B 222 -18.33 37.39 26.20
CA ALA B 222 -18.98 36.11 26.46
C ALA B 222 -17.96 34.98 26.33
N VAL B 223 -17.21 34.99 25.25
CA VAL B 223 -16.18 33.98 25.03
C VAL B 223 -15.18 34.01 26.17
N THR B 224 -14.70 35.21 26.51
CA THR B 224 -13.73 35.35 27.57
C THR B 224 -14.23 34.73 28.88
N GLU B 225 -15.47 35.03 29.24
CA GLU B 225 -16.02 34.49 30.49
C GLU B 225 -16.14 32.98 30.42
N TYR B 226 -16.66 32.46 29.31
CA TYR B 226 -16.81 31.00 29.18
C TYR B 226 -15.48 30.27 29.35
N ILE B 227 -14.47 30.71 28.62
CA ILE B 227 -13.14 30.09 28.71
C ILE B 227 -12.70 30.13 30.16
N GLN B 228 -12.95 31.27 30.80
CA GLN B 228 -12.61 31.50 32.19
C GLN B 228 -13.25 30.43 33.09
N ARG B 229 -14.51 30.11 32.80
CA ARG B 229 -15.23 29.13 33.58
C ARG B 229 -14.71 27.72 33.35
N LYS B 230 -14.01 27.51 32.23
CA LYS B 230 -13.45 26.20 31.93
C LYS B 230 -12.11 26.02 32.64
N LYS B 231 -11.39 27.12 32.83
CA LYS B 231 -10.08 27.10 33.49
C LYS B 231 -10.20 27.21 35.01
N PHE B 232 -11.22 27.93 35.46
CA PHE B 232 -11.48 28.12 36.90
C PHE B 232 -12.97 27.87 37.13
N PRO B 233 -13.38 26.58 37.11
CA PRO B 233 -14.74 26.02 37.28
C PRO B 233 -15.59 26.56 38.42
N PRO B 234 -16.82 26.98 38.11
CA PRO B 234 -17.81 27.54 39.03
C PRO B 234 -18.31 26.56 40.08
N ASP B 235 -18.59 25.34 39.65
CA ASP B 235 -19.09 24.33 40.59
C ASP B 235 -17.98 23.49 41.24
N ASN B 236 -16.83 24.13 41.49
CA ASN B 236 -15.72 23.46 42.15
C ASN B 236 -15.16 22.29 41.35
N SER B 237 -15.79 22.00 40.22
CA SER B 237 -15.38 20.90 39.34
C SER B 237 -13.94 21.03 38.85
N ALA B 238 -13.47 19.98 38.18
CA ALA B 238 -12.12 19.95 37.63
C ALA B 238 -12.07 20.75 36.32
N PRO B 239 -11.01 21.53 36.13
CA PRO B 239 -10.87 22.34 34.92
C PRO B 239 -10.86 21.46 33.66
N TYR B 240 -11.43 21.98 32.58
CA TYR B 240 -11.46 21.27 31.30
C TYR B 240 -10.04 21.25 30.75
N GLY B 241 -9.73 20.23 29.96
CA GLY B 241 -8.41 20.16 29.35
C GLY B 241 -8.48 20.94 28.05
N ALA B 242 -7.33 21.44 27.59
CA ALA B 242 -7.31 22.22 26.34
C ALA B 242 -6.62 21.50 25.19
N ARG B 243 -7.19 21.63 24.00
CA ARG B 243 -6.66 21.02 22.80
C ARG B 243 -7.00 21.89 21.60
N TYR B 244 -6.03 22.15 20.74
CA TYR B 244 -6.31 22.94 19.56
C TYR B 244 -5.27 22.60 18.51
N VAL B 245 -5.68 21.77 17.55
CA VAL B 245 -4.79 21.32 16.50
C VAL B 245 -4.58 22.35 15.42
N GLY B 246 -5.61 23.13 15.13
CA GLY B 246 -5.48 24.14 14.10
C GLY B 246 -6.18 23.71 12.83
N SER B 247 -6.42 22.40 12.71
CA SER B 247 -7.11 21.83 11.56
C SER B 247 -8.55 21.58 12.01
N MET B 248 -9.50 22.29 11.44
CA MET B 248 -10.88 22.09 11.85
C MET B 248 -11.31 20.64 11.85
N VAL B 249 -11.01 19.91 10.77
CA VAL B 249 -11.40 18.52 10.69
C VAL B 249 -10.89 17.74 11.89
N ALA B 250 -9.64 17.96 12.27
CA ALA B 250 -9.06 17.25 13.41
C ALA B 250 -9.72 17.65 14.72
N ASP B 251 -9.90 18.96 14.92
CA ASP B 251 -10.51 19.43 16.17
C ASP B 251 -11.97 19.00 16.30
N VAL B 252 -12.73 19.07 15.21
CA VAL B 252 -14.14 18.68 15.26
C VAL B 252 -14.27 17.18 15.52
N HIS B 253 -13.41 16.39 14.88
CA HIS B 253 -13.46 14.95 15.06
C HIS B 253 -13.13 14.54 16.49
N ARG B 254 -12.16 15.20 17.11
CA ARG B 254 -11.83 14.85 18.48
C ARG B 254 -13.05 15.15 19.33
N THR B 255 -13.67 16.31 19.09
CA THR B 255 -14.86 16.70 19.84
C THR B 255 -15.95 15.65 19.69
N LEU B 256 -16.18 15.17 18.47
CA LEU B 256 -17.18 14.13 18.24
C LEU B 256 -16.85 12.88 19.06
N VAL B 257 -15.62 12.42 18.96
CA VAL B 257 -15.17 11.22 19.66
C VAL B 257 -15.07 11.35 21.18
N TYR B 258 -14.45 12.42 21.66
CA TYR B 258 -14.29 12.61 23.10
C TYR B 258 -15.30 13.52 23.75
N GLY B 259 -16.07 14.23 22.92
CA GLY B 259 -17.04 15.15 23.48
C GLY B 259 -16.32 16.42 23.86
N GLY B 260 -17.08 17.43 24.30
CA GLY B 260 -16.47 18.69 24.68
C GLY B 260 -16.99 19.82 23.81
N ILE B 261 -16.16 20.84 23.60
CA ILE B 261 -16.59 21.97 22.79
C ILE B 261 -15.49 22.55 21.91
N PHE B 262 -15.87 22.97 20.72
CA PHE B 262 -14.95 23.57 19.75
C PHE B 262 -15.44 24.97 19.42
N LEU B 263 -14.52 25.93 19.38
CA LEU B 263 -14.92 27.31 19.08
C LEU B 263 -13.98 28.06 18.14
N TYR B 264 -14.60 28.84 17.27
CA TYR B 264 -13.92 29.76 16.37
C TYR B 264 -14.98 30.83 16.25
N PRO B 265 -15.10 31.64 17.31
CA PRO B 265 -16.05 32.75 17.43
C PRO B 265 -15.58 34.00 16.70
N ALA B 266 -16.48 34.97 16.64
CA ALA B 266 -16.18 36.24 15.98
C ALA B 266 -15.56 37.16 16.99
N ASN B 267 -14.30 37.54 16.78
CA ASN B 267 -13.63 38.46 17.69
C ASN B 267 -14.04 39.92 17.37
N LYS B 268 -13.11 40.86 17.58
CA LYS B 268 -13.35 42.26 17.30
C LYS B 268 -12.99 42.48 15.82
N LYS B 269 -11.92 41.80 15.39
CA LYS B 269 -11.44 41.87 14.02
C LYS B 269 -12.45 41.30 13.01
N SER B 270 -12.57 39.97 12.96
CA SER B 270 -13.49 39.29 12.05
C SER B 270 -14.80 39.13 12.80
N PRO B 271 -15.71 40.10 12.66
CA PRO B 271 -17.01 40.08 13.33
C PRO B 271 -17.97 38.99 12.86
N ASN B 272 -17.58 38.27 11.82
CA ASN B 272 -18.44 37.20 11.30
C ASN B 272 -17.76 35.85 11.45
N GLY B 273 -16.63 35.85 12.14
CA GLY B 273 -15.89 34.62 12.32
C GLY B 273 -14.91 34.48 11.19
N LYS B 274 -14.17 33.36 11.19
CA LYS B 274 -13.18 33.10 10.17
C LYS B 274 -13.56 31.92 9.28
N LEU B 275 -14.13 30.87 9.87
CA LEU B 275 -14.52 29.70 9.10
C LEU B 275 -15.65 30.00 8.13
N ARG B 276 -15.69 29.25 7.03
CA ARG B 276 -16.68 29.42 5.97
C ARG B 276 -17.95 28.65 6.29
N LEU B 277 -19.11 29.27 6.04
CA LEU B 277 -20.39 28.66 6.33
C LEU B 277 -20.77 27.48 5.46
N LEU B 278 -20.70 27.64 4.15
CA LEU B 278 -21.09 26.57 3.24
C LEU B 278 -20.32 25.26 3.29
N TYR B 279 -18.99 25.32 3.33
CA TYR B 279 -18.23 24.08 3.33
C TYR B 279 -17.43 23.73 4.57
N GLU B 280 -17.51 24.54 5.62
CA GLU B 280 -16.79 24.22 6.84
C GLU B 280 -17.75 24.14 8.02
N CYS B 281 -18.55 25.18 8.22
CA CYS B 281 -19.48 25.22 9.33
C CYS B 281 -20.71 24.32 9.19
N ASN B 282 -21.47 24.49 8.11
CA ASN B 282 -22.66 23.68 7.91
C ASN B 282 -22.41 22.17 7.96
N PRO B 283 -21.44 21.67 7.19
CA PRO B 283 -21.20 20.23 7.23
C PRO B 283 -20.94 19.76 8.66
N MET B 284 -20.07 20.45 9.38
CA MET B 284 -19.77 20.04 10.74
C MET B 284 -20.99 20.20 11.62
N ALA B 285 -21.74 21.26 11.41
CA ALA B 285 -22.95 21.51 12.19
C ALA B 285 -23.93 20.36 12.00
N TYR B 286 -24.11 19.95 10.76
CA TYR B 286 -25.02 18.86 10.42
C TYR B 286 -24.58 17.56 11.11
N VAL B 287 -23.28 17.27 11.04
CA VAL B 287 -22.76 16.05 11.66
C VAL B 287 -23.03 16.07 13.16
N MET B 288 -22.74 17.20 13.80
CA MET B 288 -22.97 17.32 15.23
C MET B 288 -24.43 17.09 15.60
N GLU B 289 -25.34 17.78 14.95
CA GLU B 289 -26.74 17.63 15.29
C GLU B 289 -27.27 16.20 15.10
N LYS B 290 -26.85 15.53 14.05
CA LYS B 290 -27.30 14.16 13.83
C LYS B 290 -26.69 13.20 14.87
N ALA B 291 -25.60 13.64 15.50
CA ALA B 291 -24.91 12.86 16.51
C ALA B 291 -25.39 13.25 17.90
N GLY B 292 -26.41 14.10 17.94
CA GLY B 292 -26.96 14.57 19.21
C GLY B 292 -26.22 15.75 19.81
N GLY B 293 -25.42 16.43 19.01
CA GLY B 293 -24.68 17.60 19.51
C GLY B 293 -25.33 18.89 19.03
N MET B 294 -24.66 20.01 19.27
CA MET B 294 -25.19 21.31 18.86
C MET B 294 -24.14 22.12 18.11
N ALA B 295 -24.62 23.10 17.35
CA ALA B 295 -23.78 23.98 16.56
C ALA B 295 -24.44 25.35 16.45
N THR B 296 -23.90 26.33 17.18
CA THR B 296 -24.46 27.67 17.18
C THR B 296 -23.45 28.73 16.74
N THR B 297 -23.98 29.86 16.30
CA THR B 297 -23.15 30.98 15.88
C THR B 297 -23.14 31.94 17.07
N GLY B 298 -23.97 31.60 18.06
CA GLY B 298 -24.10 32.42 19.25
C GLY B 298 -25.48 33.06 19.21
N LYS B 299 -25.88 33.49 18.03
CA LYS B 299 -27.18 34.12 17.85
C LYS B 299 -28.21 33.13 17.34
N GLU B 300 -27.74 32.08 16.66
CA GLU B 300 -28.67 31.09 16.13
C GLU B 300 -27.97 29.81 15.70
N ALA B 301 -28.75 28.77 15.43
CA ALA B 301 -28.22 27.50 14.99
C ALA B 301 -27.52 27.72 13.64
N VAL B 302 -26.30 27.22 13.50
CA VAL B 302 -25.56 27.37 12.26
C VAL B 302 -26.40 26.93 11.07
N LEU B 303 -27.07 25.80 11.20
CA LEU B 303 -27.88 25.27 10.11
C LEU B 303 -29.04 26.17 9.70
N ASP B 304 -29.43 27.10 10.55
CA ASP B 304 -30.55 28.00 10.23
C ASP B 304 -30.15 29.25 9.48
N VAL B 305 -28.86 29.57 9.46
CA VAL B 305 -28.38 30.76 8.77
C VAL B 305 -28.62 30.62 7.28
N ILE B 306 -29.25 31.64 6.69
CA ILE B 306 -29.52 31.64 5.26
C ILE B 306 -28.36 32.37 4.58
N PRO B 307 -27.51 31.65 3.84
CA PRO B 307 -26.38 32.27 3.16
C PRO B 307 -26.76 33.20 2.03
N THR B 308 -25.90 34.18 1.74
CA THR B 308 -26.12 35.11 0.65
C THR B 308 -24.90 35.15 -0.25
N ASP B 309 -23.80 34.60 0.24
CA ASP B 309 -22.54 34.52 -0.50
C ASP B 309 -21.91 33.14 -0.25
N ILE B 310 -21.58 32.42 -1.31
CA ILE B 310 -21.01 31.09 -1.18
C ILE B 310 -19.75 30.99 -0.32
N HIS B 311 -19.02 32.09 -0.17
CA HIS B 311 -17.80 32.06 0.64
C HIS B 311 -17.92 32.87 1.92
N GLN B 312 -19.14 33.14 2.34
CA GLN B 312 -19.35 33.92 3.55
C GLN B 312 -18.87 33.18 4.78
N ARG B 313 -18.35 33.93 5.76
CA ARG B 313 -17.86 33.34 6.98
C ARG B 313 -18.98 33.26 8.03
N ALA B 314 -18.73 32.53 9.10
CA ALA B 314 -19.74 32.38 10.16
C ALA B 314 -19.07 31.91 11.44
N PRO B 315 -19.43 32.51 12.57
CA PRO B 315 -18.82 32.08 13.84
C PRO B 315 -19.42 30.73 14.17
N VAL B 316 -18.69 29.94 14.96
CA VAL B 316 -19.22 28.64 15.30
C VAL B 316 -18.73 28.05 16.62
N ILE B 317 -19.68 27.56 17.41
CA ILE B 317 -19.39 26.93 18.69
C ILE B 317 -20.18 25.63 18.59
N LEU B 318 -19.48 24.50 18.64
CA LEU B 318 -20.14 23.20 18.53
C LEU B 318 -19.55 22.15 19.46
N GLY B 319 -20.27 21.04 19.59
CA GLY B 319 -19.82 19.95 20.44
C GLY B 319 -20.92 19.39 21.32
N SER B 320 -20.53 18.86 22.47
CA SER B 320 -21.49 18.29 23.41
C SER B 320 -22.60 19.30 23.74
N PRO B 321 -23.85 18.84 23.77
CA PRO B 321 -25.00 19.71 24.07
C PRO B 321 -24.88 20.52 25.36
N ASP B 322 -24.61 19.86 26.48
CA ASP B 322 -24.49 20.55 27.75
C ASP B 322 -23.44 21.65 27.71
N ASP B 323 -22.39 21.43 26.92
CA ASP B 323 -21.29 22.41 26.79
C ASP B 323 -21.68 23.61 25.95
N VAL B 324 -22.34 23.35 24.82
CA VAL B 324 -22.78 24.41 23.92
C VAL B 324 -23.80 25.25 24.68
N LEU B 325 -24.73 24.55 25.33
CA LEU B 325 -25.79 25.18 26.12
C LEU B 325 -25.19 26.12 27.17
N GLU B 326 -24.13 25.66 27.82
CA GLU B 326 -23.47 26.45 28.86
C GLU B 326 -22.92 27.72 28.22
N PHE B 327 -22.32 27.58 27.05
CA PHE B 327 -21.77 28.75 26.36
C PHE B 327 -22.89 29.74 26.08
N LEU B 328 -24.00 29.22 25.55
CA LEU B 328 -25.13 30.06 25.21
C LEU B 328 -25.66 30.83 26.41
N LYS B 329 -25.59 30.24 27.60
CA LYS B 329 -26.07 30.91 28.80
C LYS B 329 -25.17 32.11 29.06
N VAL B 330 -23.86 31.92 28.89
CA VAL B 330 -22.90 33.01 29.09
C VAL B 330 -23.07 34.04 27.99
N TYR B 331 -23.34 33.58 26.76
CA TYR B 331 -23.52 34.47 25.63
C TYR B 331 -24.69 35.41 25.89
N GLU B 332 -25.78 34.85 26.41
CA GLU B 332 -26.97 35.65 26.67
C GLU B 332 -26.73 36.63 27.82
N LYS B 333 -25.96 36.21 28.82
CA LYS B 333 -25.66 37.10 29.93
C LYS B 333 -25.01 38.38 29.40
N HIS B 334 -24.34 38.27 28.26
CA HIS B 334 -23.69 39.44 27.66
C HIS B 334 -24.48 40.01 26.49
N SER B 335 -25.79 39.80 26.50
CA SER B 335 -26.65 40.33 25.45
C SER B 335 -27.96 40.86 26.01
N ASP C 9 14.65 -15.13 14.70
CA ASP C 9 15.03 -13.70 14.49
C ASP C 9 14.84 -13.26 13.04
N VAL C 10 13.88 -12.34 12.84
CA VAL C 10 13.59 -11.81 11.52
C VAL C 10 14.85 -11.25 10.91
N ASN C 11 14.92 -11.30 9.59
CA ASN C 11 16.07 -10.74 8.89
C ASN C 11 15.58 -10.11 7.61
N THR C 12 16.17 -8.97 7.26
CA THR C 12 15.79 -8.27 6.05
C THR C 12 16.96 -8.27 5.09
N LEU C 13 16.69 -7.94 3.83
CA LEU C 13 17.72 -7.89 2.83
C LEU C 13 18.77 -6.85 3.26
N THR C 14 18.30 -5.70 3.76
CA THR C 14 19.19 -4.64 4.18
C THR C 14 20.13 -5.09 5.30
N ARG C 15 19.56 -5.72 6.32
CA ARG C 15 20.35 -6.19 7.46
C ARG C 15 21.35 -7.25 7.02
N PHE C 16 20.88 -8.17 6.19
CA PHE C 16 21.67 -9.27 5.65
C PHE C 16 22.89 -8.76 4.89
N VAL C 17 22.64 -7.93 3.89
CA VAL C 17 23.70 -7.36 3.09
C VAL C 17 24.68 -6.52 3.92
N MET C 18 24.16 -5.81 4.91
CA MET C 18 25.03 -4.98 5.75
C MET C 18 26.02 -5.86 6.51
N GLU C 19 25.49 -6.95 7.07
CA GLU C 19 26.30 -7.90 7.83
C GLU C 19 27.36 -8.57 6.98
N GLU C 20 26.94 -9.16 5.87
CA GLU C 20 27.86 -9.83 4.96
C GLU C 20 28.92 -8.86 4.47
N GLY C 21 28.53 -7.62 4.27
CA GLY C 21 29.46 -6.61 3.82
C GLY C 21 30.48 -6.26 4.88
N ARG C 22 30.01 -6.18 6.13
CA ARG C 22 30.88 -5.85 7.25
C ARG C 22 31.93 -6.94 7.41
N LYS C 23 31.51 -8.19 7.28
CA LYS C 23 32.41 -9.32 7.40
C LYS C 23 33.51 -9.24 6.35
N ALA C 24 33.15 -8.83 5.15
CA ALA C 24 34.10 -8.73 4.04
C ALA C 24 35.21 -7.72 4.31
N ARG C 25 34.94 -6.77 5.20
CA ARG C 25 35.93 -5.75 5.55
C ARG C 25 36.50 -5.04 4.33
N GLY C 26 35.61 -4.50 3.51
CA GLY C 26 36.03 -3.79 2.31
C GLY C 26 35.63 -2.32 2.35
N THR C 27 35.43 -1.73 1.18
CA THR C 27 35.05 -0.32 1.08
C THR C 27 33.58 -0.07 1.45
N GLY C 28 32.76 -1.12 1.34
CA GLY C 28 31.34 -0.98 1.64
C GLY C 28 30.55 -0.67 0.38
N GLU C 29 31.24 -0.61 -0.76
CA GLU C 29 30.63 -0.30 -2.04
C GLU C 29 29.54 -1.28 -2.46
N LEU C 30 29.85 -2.56 -2.46
CA LEU C 30 28.85 -3.54 -2.87
C LEU C 30 27.59 -3.41 -2.01
N THR C 31 27.77 -3.12 -0.72
CA THR C 31 26.63 -2.97 0.17
C THR C 31 25.76 -1.83 -0.36
N GLN C 32 26.39 -0.72 -0.72
CA GLN C 32 25.66 0.41 -1.24
C GLN C 32 25.00 0.07 -2.56
N LEU C 33 25.71 -0.66 -3.41
CA LEU C 33 25.18 -1.06 -4.71
C LEU C 33 23.90 -1.86 -4.53
N LEU C 34 23.97 -2.91 -3.72
CA LEU C 34 22.81 -3.76 -3.49
C LEU C 34 21.64 -3.02 -2.85
N ASN C 35 21.94 -2.10 -1.93
CA ASN C 35 20.89 -1.33 -1.28
C ASN C 35 20.14 -0.55 -2.35
N SER C 36 20.91 0.08 -3.24
CA SER C 36 20.35 0.87 -4.32
C SER C 36 19.52 0.02 -5.28
N LEU C 37 20.03 -1.15 -5.62
CA LEU C 37 19.32 -2.04 -6.52
C LEU C 37 18.00 -2.45 -5.88
N CYS C 38 18.06 -2.75 -4.59
CA CYS C 38 16.88 -3.15 -3.84
C CYS C 38 15.81 -2.06 -3.88
N THR C 39 16.20 -0.82 -3.65
CA THR C 39 15.26 0.29 -3.67
C THR C 39 14.64 0.40 -5.06
N ALA C 40 15.47 0.23 -6.10
CA ALA C 40 14.98 0.29 -7.47
C ALA C 40 13.93 -0.80 -7.68
N VAL C 41 14.25 -2.02 -7.24
CA VAL C 41 13.33 -3.12 -7.38
C VAL C 41 11.98 -2.80 -6.75
N LYS C 42 12.00 -2.21 -5.57
CA LYS C 42 10.76 -1.86 -4.88
C LYS C 42 9.97 -0.90 -5.75
N ALA C 43 10.68 0.07 -6.31
CA ALA C 43 10.06 1.07 -7.17
C ALA C 43 9.44 0.39 -8.40
N ILE C 44 10.19 -0.51 -9.02
CA ILE C 44 9.67 -1.20 -10.19
C ILE C 44 8.41 -1.97 -9.81
N SER C 45 8.50 -2.69 -8.69
CA SER C 45 7.38 -3.49 -8.21
C SER C 45 6.12 -2.65 -8.09
N SER C 46 6.24 -1.47 -7.47
CA SER C 46 5.09 -0.58 -7.30
C SER C 46 4.49 -0.25 -8.66
N ALA C 47 5.35 0.14 -9.60
CA ALA C 47 4.90 0.49 -10.93
C ALA C 47 4.27 -0.73 -11.66
N VAL C 48 4.93 -1.87 -11.58
CA VAL C 48 4.42 -3.06 -12.24
C VAL C 48 3.03 -3.45 -11.73
N ARG C 49 2.78 -3.28 -10.42
CA ARG C 49 1.46 -3.60 -9.87
C ARG C 49 0.44 -2.49 -10.16
N LYS C 50 0.81 -1.57 -11.06
CA LYS C 50 -0.05 -0.49 -11.49
C LYS C 50 -0.47 0.58 -10.48
N ALA C 51 0.39 0.86 -9.51
CA ALA C 51 0.06 1.89 -8.52
C ALA C 51 -0.14 3.21 -9.25
N GLY C 52 -1.24 3.89 -8.95
CA GLY C 52 -1.51 5.17 -9.55
C GLY C 52 -2.09 5.16 -10.94
N ILE C 53 -2.37 3.98 -11.50
CA ILE C 53 -2.90 3.92 -12.84
C ILE C 53 -4.21 4.72 -12.98
N ALA C 54 -4.91 4.95 -11.87
CA ALA C 54 -6.15 5.71 -11.92
C ALA C 54 -5.89 7.12 -12.48
N HIS C 55 -4.73 7.69 -12.16
CA HIS C 55 -4.40 9.01 -12.66
C HIS C 55 -4.17 8.97 -14.15
N LEU C 56 -3.62 7.85 -14.62
CA LEU C 56 -3.37 7.70 -16.04
C LEU C 56 -4.71 7.65 -16.77
N TYR C 57 -5.76 7.21 -16.07
CA TYR C 57 -7.08 7.14 -16.69
C TYR C 57 -8.03 8.26 -16.32
N GLY C 58 -7.46 9.40 -15.94
CA GLY C 58 -8.24 10.58 -15.63
C GLY C 58 -9.03 10.74 -14.34
N ILE C 59 -8.65 10.05 -13.29
CA ILE C 59 -9.37 10.19 -12.04
C ILE C 59 -9.40 11.67 -11.62
N ALA C 60 -8.31 12.39 -11.90
CA ALA C 60 -8.20 13.80 -11.54
C ALA C 60 -8.44 14.75 -12.71
N GLY C 61 -9.02 14.23 -13.80
CA GLY C 61 -9.28 15.05 -14.97
C GLY C 61 -8.27 14.82 -16.08
N LYS C 71 5.32 7.33 -19.10
CA LYS C 71 6.23 6.55 -19.91
C LYS C 71 6.09 5.04 -19.66
N LYS C 72 6.31 4.26 -20.71
CA LYS C 72 6.23 2.81 -20.66
C LYS C 72 6.98 2.24 -19.45
N LEU C 73 6.49 1.10 -18.97
CA LEU C 73 7.04 0.43 -17.81
C LEU C 73 8.51 0.06 -17.96
N ASP C 74 8.87 -0.49 -19.12
CA ASP C 74 10.26 -0.88 -19.31
C ASP C 74 11.18 0.34 -19.25
N VAL C 75 10.76 1.44 -19.85
CA VAL C 75 11.59 2.64 -19.82
C VAL C 75 11.75 3.15 -18.38
N LEU C 76 10.65 3.23 -17.66
CA LEU C 76 10.70 3.69 -16.27
C LEU C 76 11.58 2.77 -15.44
N SER C 77 11.41 1.46 -15.64
CA SER C 77 12.19 0.48 -14.89
C SER C 77 13.67 0.68 -15.14
N ASN C 78 14.02 0.89 -16.41
CA ASN C 78 15.42 1.10 -16.75
C ASN C 78 15.93 2.37 -16.10
N ASP C 79 15.10 3.41 -16.10
CA ASP C 79 15.50 4.68 -15.49
C ASP C 79 15.77 4.53 -14.01
N LEU C 80 14.91 3.78 -13.32
CA LEU C 80 15.07 3.55 -11.89
C LEU C 80 16.39 2.83 -11.57
N VAL C 81 16.63 1.70 -12.22
CA VAL C 81 17.86 0.95 -11.98
C VAL C 81 19.07 1.81 -12.32
N MET C 82 19.03 2.43 -13.50
CA MET C 82 20.12 3.29 -13.97
C MET C 82 20.45 4.40 -12.96
N ASN C 83 19.43 5.15 -12.56
CA ASN C 83 19.64 6.23 -11.62
C ASN C 83 20.08 5.76 -10.23
N MET C 84 19.43 4.74 -9.71
CA MET C 84 19.81 4.26 -8.39
C MET C 84 21.23 3.71 -8.38
N LEU C 85 21.62 3.01 -9.44
CA LEU C 85 22.96 2.46 -9.51
C LEU C 85 24.01 3.57 -9.68
N LYS C 86 23.77 4.53 -10.57
CA LYS C 86 24.71 5.62 -10.74
C LYS C 86 24.89 6.37 -9.42
N SER C 87 23.78 6.70 -8.77
CA SER C 87 23.83 7.45 -7.52
C SER C 87 24.38 6.67 -6.32
N SER C 88 24.72 5.39 -6.53
CA SER C 88 25.27 4.58 -5.45
C SER C 88 26.76 4.85 -5.27
N PHE C 89 27.39 5.36 -6.32
CA PHE C 89 28.83 5.63 -6.33
C PHE C 89 29.63 4.34 -6.27
N ALA C 90 28.98 3.23 -6.61
CA ALA C 90 29.62 1.92 -6.57
C ALA C 90 29.82 1.30 -7.95
N THR C 91 29.40 1.99 -9.00
CA THR C 91 29.53 1.43 -10.34
C THR C 91 30.25 2.37 -11.30
N CYS C 92 30.70 1.81 -12.42
CA CYS C 92 31.41 2.58 -13.42
C CYS C 92 30.90 2.28 -14.84
N VAL C 93 30.41 1.06 -15.02
CA VAL C 93 29.90 0.63 -16.32
C VAL C 93 28.59 -0.13 -16.17
N LEU C 94 27.55 0.37 -16.83
CA LEU C 94 26.24 -0.24 -16.75
C LEU C 94 25.73 -0.74 -18.10
N VAL C 95 25.37 -2.02 -18.16
CA VAL C 95 24.84 -2.59 -19.40
C VAL C 95 23.40 -3.02 -19.16
N SER C 96 22.51 -2.50 -19.98
CA SER C 96 21.09 -2.79 -19.87
C SER C 96 20.48 -3.25 -21.16
N GLU C 97 19.52 -4.16 -21.02
CA GLU C 97 18.79 -4.70 -22.15
C GLU C 97 18.15 -3.56 -22.94
N GLU C 98 17.74 -2.50 -22.25
CA GLU C 98 17.10 -1.36 -22.87
C GLU C 98 18.00 -0.44 -23.68
N ASP C 99 19.29 -0.42 -23.39
CA ASP C 99 20.20 0.47 -24.12
C ASP C 99 21.17 -0.27 -25.07
N LYS C 100 21.41 0.29 -26.26
CA LYS C 100 22.28 -0.32 -27.24
C LYS C 100 23.74 -0.33 -26.83
N HIS C 101 24.18 0.75 -26.21
CA HIS C 101 25.56 0.85 -25.76
C HIS C 101 25.66 0.82 -24.25
N ALA C 102 26.78 0.33 -23.73
CA ALA C 102 26.95 0.31 -22.29
C ALA C 102 26.96 1.76 -21.85
N ILE C 103 26.43 2.02 -20.66
CA ILE C 103 26.41 3.37 -20.13
C ILE C 103 27.63 3.56 -19.23
N ILE C 104 28.39 4.61 -19.47
CA ILE C 104 29.57 4.88 -18.66
C ILE C 104 29.19 5.92 -17.61
N VAL C 105 29.26 5.52 -16.34
CA VAL C 105 28.94 6.40 -15.23
C VAL C 105 29.86 7.63 -15.24
N GLU C 106 29.29 8.82 -15.05
CA GLU C 106 30.14 10.01 -15.05
C GLU C 106 31.22 9.83 -13.99
N PRO C 107 32.41 10.40 -14.25
CA PRO C 107 33.54 10.29 -13.31
C PRO C 107 33.30 10.60 -11.85
N GLU C 108 32.51 11.63 -11.53
CA GLU C 108 32.28 11.97 -10.13
C GLU C 108 31.37 11.01 -9.37
N LYS C 109 30.92 9.94 -10.01
CA LYS C 109 30.04 8.97 -9.33
C LYS C 109 30.48 7.53 -9.57
N ARG C 110 31.71 7.36 -10.07
CA ARG C 110 32.21 6.02 -10.36
C ARG C 110 32.60 5.15 -9.17
N GLY C 111 32.27 3.88 -9.28
CA GLY C 111 32.61 2.90 -8.27
C GLY C 111 33.36 1.82 -8.99
N LYS C 112 33.73 0.75 -8.30
CA LYS C 112 34.49 -0.33 -8.92
C LYS C 112 33.69 -1.47 -9.52
N TYR C 113 32.37 -1.39 -9.45
CA TYR C 113 31.52 -2.45 -9.98
C TYR C 113 30.91 -2.21 -11.35
N VAL C 114 30.69 -3.30 -12.08
CA VAL C 114 30.09 -3.27 -13.39
C VAL C 114 28.78 -4.05 -13.22
N VAL C 115 27.69 -3.52 -13.76
CA VAL C 115 26.41 -4.19 -13.63
C VAL C 115 25.70 -4.41 -14.96
N CYS C 116 25.25 -5.64 -15.17
CA CYS C 116 24.50 -6.01 -16.37
C CYS C 116 23.12 -6.38 -15.87
N PHE C 117 22.08 -5.87 -16.52
CA PHE C 117 20.74 -6.18 -16.07
C PHE C 117 19.65 -5.98 -17.10
N ASP C 118 18.52 -6.65 -16.86
CA ASP C 118 17.34 -6.50 -17.69
C ASP C 118 16.40 -5.88 -16.67
N PRO C 119 16.10 -4.59 -16.83
CA PRO C 119 15.22 -3.87 -15.91
C PRO C 119 13.83 -4.46 -15.76
N LEU C 120 13.27 -4.99 -16.85
CA LEU C 120 11.95 -5.58 -16.80
C LEU C 120 11.84 -6.73 -17.78
N ASP C 121 12.20 -7.93 -17.32
CA ASP C 121 12.16 -9.14 -18.12
C ASP C 121 10.72 -9.62 -18.30
N GLY C 122 10.40 -9.99 -19.54
CA GLY C 122 9.07 -10.46 -19.87
C GLY C 122 8.14 -9.31 -20.15
N SER C 123 8.69 -8.10 -20.20
CA SER C 123 7.89 -6.89 -20.44
C SER C 123 7.15 -6.90 -21.79
N SER C 124 7.62 -7.71 -22.72
CA SER C 124 6.98 -7.79 -24.04
C SER C 124 5.58 -8.39 -23.95
N ASN C 125 5.39 -9.36 -23.06
CA ASN C 125 4.10 -10.02 -22.87
C ASN C 125 3.46 -9.56 -21.56
N ILE C 126 3.69 -8.30 -21.21
CA ILE C 126 3.12 -7.75 -19.99
C ILE C 126 1.61 -7.51 -20.17
N ASP C 127 1.21 -7.28 -21.41
CA ASP C 127 -0.20 -7.03 -21.75
C ASP C 127 -1.14 -8.08 -21.14
N CYS C 128 -0.65 -9.31 -21.03
CA CYS C 128 -1.50 -10.36 -20.50
C CYS C 128 -1.32 -10.50 -18.99
N LEU C 129 -0.57 -9.59 -18.39
CA LEU C 129 -0.33 -9.57 -16.95
C LEU C 129 0.48 -10.76 -16.47
N VAL C 130 1.26 -11.35 -17.38
CA VAL C 130 2.10 -12.49 -17.04
C VAL C 130 3.19 -11.97 -16.11
N SER C 131 3.79 -12.86 -15.34
CA SER C 131 4.86 -12.46 -14.44
C SER C 131 5.98 -11.78 -15.22
N VAL C 132 6.64 -10.82 -14.59
CA VAL C 132 7.77 -10.13 -15.19
C VAL C 132 8.82 -10.00 -14.10
N GLY C 133 10.05 -9.66 -14.47
CA GLY C 133 11.08 -9.53 -13.47
C GLY C 133 12.28 -8.68 -13.88
N THR C 134 13.22 -8.54 -12.95
CA THR C 134 14.43 -7.78 -13.17
C THR C 134 15.60 -8.73 -12.90
N ILE C 135 16.46 -8.93 -13.89
CA ILE C 135 17.61 -9.81 -13.72
C ILE C 135 18.85 -8.93 -13.62
N PHE C 136 19.80 -9.31 -12.77
CA PHE C 136 21.03 -8.53 -12.62
C PHE C 136 22.25 -9.37 -12.31
N GLY C 137 23.40 -8.93 -12.82
CA GLY C 137 24.67 -9.61 -12.58
C GLY C 137 25.70 -8.55 -12.25
N ILE C 138 26.44 -8.75 -11.16
CA ILE C 138 27.45 -7.78 -10.73
C ILE C 138 28.87 -8.31 -10.81
N TYR C 139 29.74 -7.56 -11.51
CA TYR C 139 31.15 -7.93 -11.67
C TYR C 139 32.00 -6.81 -11.07
N ARG C 140 33.26 -7.14 -10.77
CA ARG C 140 34.20 -6.16 -10.24
C ARG C 140 35.00 -5.75 -11.46
N LYS C 141 35.19 -4.45 -11.68
CA LYS C 141 35.98 -4.01 -12.83
C LYS C 141 37.37 -4.63 -12.67
N LYS C 142 37.72 -5.43 -13.68
CA LYS C 142 39.00 -6.14 -13.72
C LYS C 142 40.06 -5.34 -14.48
N SER C 143 39.62 -4.63 -15.51
CA SER C 143 40.53 -3.81 -16.29
C SER C 143 40.81 -2.50 -15.57
N THR C 144 41.91 -1.84 -15.92
CA THR C 144 42.29 -0.57 -15.31
C THR C 144 42.17 0.58 -16.28
N ASP C 145 41.66 0.32 -17.47
CA ASP C 145 41.52 1.37 -18.48
C ASP C 145 40.31 2.21 -18.16
N GLU C 146 40.26 3.43 -18.69
CA GLU C 146 39.08 4.28 -18.54
C GLU C 146 37.90 3.31 -18.70
N PRO C 147 36.86 3.46 -17.87
CA PRO C 147 35.74 2.54 -17.99
C PRO C 147 35.14 2.53 -19.40
N SER C 148 34.83 1.34 -19.88
CA SER C 148 34.23 1.19 -21.22
C SER C 148 33.45 -0.11 -21.28
N GLU C 149 32.78 -0.31 -22.42
CA GLU C 149 31.98 -1.50 -22.60
C GLU C 149 32.79 -2.78 -22.42
N LYS C 150 34.11 -2.70 -22.63
CA LYS C 150 34.98 -3.87 -22.50
C LYS C 150 34.97 -4.44 -21.09
N ASP C 151 34.64 -3.60 -20.11
CA ASP C 151 34.61 -4.01 -18.70
C ASP C 151 33.44 -4.91 -18.36
N ALA C 152 32.51 -5.03 -19.30
CA ALA C 152 31.34 -5.87 -19.11
C ALA C 152 31.53 -7.20 -19.80
N LEU C 153 32.62 -7.33 -20.53
CA LEU C 153 32.90 -8.58 -21.24
C LEU C 153 33.71 -9.57 -20.41
N GLN C 154 33.18 -9.97 -19.27
CA GLN C 154 33.87 -10.93 -18.41
C GLN C 154 33.03 -12.20 -18.38
N PRO C 155 33.67 -13.38 -18.25
CA PRO C 155 32.87 -14.60 -18.22
C PRO C 155 32.09 -14.66 -16.91
N GLY C 156 30.87 -15.20 -16.97
CA GLY C 156 30.02 -15.31 -15.80
C GLY C 156 30.73 -15.82 -14.55
N ARG C 157 31.77 -16.62 -14.76
CA ARG C 157 32.54 -17.17 -13.66
C ARG C 157 33.10 -16.08 -12.75
N ASN C 158 33.20 -14.85 -13.25
CA ASN C 158 33.74 -13.75 -12.46
C ASN C 158 32.70 -12.99 -11.63
N LEU C 159 31.44 -13.36 -11.75
CA LEU C 159 30.38 -12.68 -10.99
C LEU C 159 30.63 -12.64 -9.49
N VAL C 160 30.40 -11.46 -8.90
CA VAL C 160 30.58 -11.26 -7.47
C VAL C 160 29.23 -11.43 -6.79
N ALA C 161 28.17 -11.21 -7.54
CA ALA C 161 26.82 -11.36 -7.04
C ALA C 161 25.88 -11.32 -8.24
N ALA C 162 24.72 -11.92 -8.09
CA ALA C 162 23.74 -11.94 -9.18
C ALA C 162 22.42 -12.48 -8.66
N GLY C 163 21.35 -12.20 -9.38
CA GLY C 163 20.06 -12.66 -8.95
C GLY C 163 18.98 -11.98 -9.74
N TYR C 164 17.74 -12.10 -9.26
CA TYR C 164 16.61 -11.50 -9.93
C TYR C 164 15.50 -11.13 -8.97
N ALA C 165 14.57 -10.34 -9.48
CA ALA C 165 13.41 -9.93 -8.72
C ALA C 165 12.25 -10.50 -9.52
N LEU C 166 11.40 -11.29 -8.87
CA LEU C 166 10.26 -11.86 -9.55
C LEU C 166 9.01 -11.09 -9.16
N TYR C 167 8.31 -10.54 -10.15
CA TYR C 167 7.08 -9.81 -9.90
C TYR C 167 5.92 -10.73 -10.26
N GLY C 168 5.65 -11.71 -9.40
CA GLY C 168 4.57 -12.65 -9.68
C GLY C 168 3.38 -12.41 -8.76
N SER C 169 2.81 -13.47 -8.20
CA SER C 169 1.69 -13.32 -7.28
C SER C 169 2.17 -12.41 -6.15
N ALA C 170 3.44 -12.54 -5.82
CA ALA C 170 4.09 -11.73 -4.80
C ALA C 170 5.45 -11.37 -5.39
N THR C 171 6.09 -10.36 -4.83
CA THR C 171 7.38 -9.94 -5.33
C THR C 171 8.48 -10.54 -4.48
N MET C 172 9.40 -11.23 -5.13
CA MET C 172 10.50 -11.87 -4.43
C MET C 172 11.83 -11.54 -5.10
N LEU C 173 12.86 -11.36 -4.27
CA LEU C 173 14.20 -11.09 -4.77
C LEU C 173 15.11 -12.24 -4.38
N VAL C 174 15.67 -12.89 -5.38
CA VAL C 174 16.58 -13.99 -5.13
C VAL C 174 17.99 -13.41 -5.31
N LEU C 175 18.78 -13.46 -4.24
CA LEU C 175 20.14 -12.94 -4.28
C LEU C 175 21.15 -14.04 -4.10
N ALA C 176 22.04 -14.17 -5.08
CA ALA C 176 23.08 -15.18 -5.02
C ALA C 176 24.46 -14.52 -4.94
N MET C 177 25.25 -14.98 -3.98
CA MET C 177 26.60 -14.49 -3.79
C MET C 177 27.48 -15.70 -3.51
N ASP C 178 28.76 -15.45 -3.32
CA ASP C 178 29.69 -16.53 -3.05
C ASP C 178 29.23 -17.44 -1.90
N CYS C 179 28.56 -16.84 -0.92
CA CYS C 179 28.10 -17.58 0.25
C CYS C 179 26.81 -18.40 0.05
N GLY C 180 26.22 -18.32 -1.13
CA GLY C 180 24.99 -19.06 -1.36
C GLY C 180 23.85 -18.23 -1.92
N VAL C 181 22.66 -18.84 -1.95
CA VAL C 181 21.47 -18.18 -2.47
C VAL C 181 20.42 -17.94 -1.38
N ASN C 182 19.89 -16.72 -1.32
CA ASN C 182 18.88 -16.38 -0.32
C ASN C 182 17.67 -15.68 -0.94
N CYS C 183 16.48 -16.04 -0.47
CA CYS C 183 15.25 -15.48 -1.01
C CYS C 183 14.52 -14.54 -0.06
N PHE C 184 14.15 -13.37 -0.57
CA PHE C 184 13.47 -12.38 0.24
C PHE C 184 12.10 -12.06 -0.34
N MET C 185 11.09 -12.04 0.52
CA MET C 185 9.75 -11.71 0.09
C MET C 185 9.53 -10.23 0.38
N LEU C 186 8.96 -9.53 -0.58
CA LEU C 186 8.71 -8.11 -0.40
C LEU C 186 7.35 -7.93 0.31
N ASP C 187 7.39 -7.38 1.52
CA ASP C 187 6.17 -7.13 2.28
C ASP C 187 5.71 -5.73 1.87
N PRO C 188 4.70 -5.66 0.99
CA PRO C 188 4.19 -4.36 0.53
C PRO C 188 3.70 -3.44 1.66
N ALA C 189 3.29 -4.02 2.77
CA ALA C 189 2.81 -3.24 3.90
C ALA C 189 3.85 -2.28 4.44
N ILE C 190 5.11 -2.72 4.45
CA ILE C 190 6.18 -1.88 4.97
C ILE C 190 7.35 -1.69 4.03
N GLY C 191 7.20 -2.15 2.79
CA GLY C 191 8.27 -1.99 1.82
C GLY C 191 9.59 -2.53 2.34
N GLU C 192 9.56 -3.74 2.86
CA GLU C 192 10.77 -4.36 3.38
C GLU C 192 10.90 -5.77 2.81
N PHE C 193 12.10 -6.14 2.39
CA PHE C 193 12.36 -7.48 1.86
C PHE C 193 12.67 -8.41 3.02
N ILE C 194 11.77 -9.32 3.32
CA ILE C 194 11.96 -10.26 4.43
C ILE C 194 12.57 -11.59 4.00
N LEU C 195 13.66 -11.96 4.65
CA LEU C 195 14.36 -13.21 4.35
C LEU C 195 13.45 -14.39 4.69
N VAL C 196 13.07 -15.19 3.69
CA VAL C 196 12.20 -16.33 3.94
C VAL C 196 12.80 -17.68 3.50
N ASP C 197 14.00 -17.64 2.95
CA ASP C 197 14.69 -18.86 2.52
C ASP C 197 16.20 -18.67 2.55
N LYS C 198 16.85 -19.29 3.51
CA LYS C 198 18.29 -19.17 3.67
C LYS C 198 19.06 -20.28 2.95
N ASP C 199 20.21 -19.92 2.38
CA ASP C 199 21.10 -20.85 1.69
C ASP C 199 20.34 -21.95 0.93
N VAL C 200 19.50 -21.51 -0.01
CA VAL C 200 18.69 -22.40 -0.85
C VAL C 200 19.47 -23.34 -1.76
N LYS C 201 18.94 -24.54 -1.94
CA LYS C 201 19.54 -25.56 -2.80
C LYS C 201 18.48 -26.24 -3.67
N ILE C 202 18.74 -26.29 -4.96
CA ILE C 202 17.81 -26.91 -5.91
C ILE C 202 17.77 -28.43 -5.73
N LYS C 203 16.64 -29.06 -6.04
CA LYS C 203 16.52 -30.51 -5.91
C LYS C 203 17.51 -31.18 -6.84
N LYS C 204 18.03 -32.34 -6.43
CA LYS C 204 18.98 -33.08 -7.26
C LYS C 204 18.36 -33.46 -8.61
N LYS C 205 17.06 -33.75 -8.58
CA LYS C 205 16.34 -34.12 -9.79
C LYS C 205 14.89 -33.68 -9.68
N GLY C 206 14.32 -33.22 -10.79
CA GLY C 206 12.94 -32.77 -10.78
C GLY C 206 12.02 -33.59 -11.63
N LYS C 207 10.80 -33.09 -11.83
CA LYS C 207 9.77 -33.77 -12.62
C LYS C 207 9.10 -32.82 -13.61
N ILE C 208 9.73 -31.68 -13.86
CA ILE C 208 9.18 -30.68 -14.78
C ILE C 208 10.20 -30.25 -15.83
N TYR C 209 9.79 -30.16 -17.09
CA TYR C 209 10.69 -29.68 -18.13
C TYR C 209 10.00 -28.45 -18.70
N SER C 210 10.78 -27.43 -19.01
CA SER C 210 10.22 -26.19 -19.52
C SER C 210 10.94 -25.59 -20.73
N LEU C 211 10.19 -25.41 -21.82
CA LEU C 211 10.71 -24.82 -23.05
C LEU C 211 9.57 -24.61 -24.05
N ASN C 212 9.73 -23.67 -24.96
CA ASN C 212 8.71 -23.39 -25.97
C ASN C 212 8.72 -24.49 -27.03
N GLU C 213 7.80 -25.44 -26.94
CA GLU C 213 7.79 -26.53 -27.90
C GLU C 213 7.25 -26.13 -29.26
N GLY C 214 6.88 -24.86 -29.39
CA GLY C 214 6.40 -24.40 -30.68
C GLY C 214 7.54 -24.48 -31.69
N TYR C 215 8.77 -24.41 -31.18
CA TYR C 215 9.96 -24.48 -32.03
C TYR C 215 10.32 -25.93 -32.36
N ALA C 216 9.48 -26.88 -31.98
CA ALA C 216 9.75 -28.29 -32.23
C ALA C 216 10.28 -28.55 -33.63
N LYS C 217 9.64 -27.94 -34.63
CA LYS C 217 10.04 -28.12 -36.03
C LYS C 217 11.51 -27.79 -36.27
N ASP C 218 12.04 -26.84 -35.51
CA ASP C 218 13.43 -26.41 -35.68
C ASP C 218 14.40 -26.92 -34.64
N PHE C 219 13.95 -27.76 -33.70
CA PHE C 219 14.86 -28.22 -32.66
C PHE C 219 16.04 -29.05 -33.13
N ASP C 220 17.12 -28.99 -32.37
CA ASP C 220 18.28 -29.79 -32.73
C ASP C 220 17.92 -31.19 -32.26
N PRO C 221 18.35 -32.21 -33.02
CA PRO C 221 18.05 -33.61 -32.67
C PRO C 221 18.23 -33.98 -31.20
N ALA C 222 19.27 -33.46 -30.55
CA ALA C 222 19.49 -33.76 -29.15
C ALA C 222 18.32 -33.27 -28.30
N VAL C 223 17.88 -32.03 -28.54
CA VAL C 223 16.76 -31.48 -27.80
C VAL C 223 15.51 -32.32 -28.07
N THR C 224 15.27 -32.65 -29.33
CA THR C 224 14.11 -33.46 -29.69
C THR C 224 14.10 -34.79 -28.94
N GLU C 225 15.24 -35.46 -28.89
CA GLU C 225 15.31 -36.74 -28.19
C GLU C 225 15.07 -36.58 -26.70
N TYR C 226 15.71 -35.57 -26.11
CA TYR C 226 15.56 -35.34 -24.68
C TYR C 226 14.09 -35.12 -24.30
N ILE C 227 13.42 -34.19 -24.97
CA ILE C 227 12.02 -33.92 -24.69
C ILE C 227 11.24 -35.22 -24.82
N GLN C 228 11.58 -35.99 -25.85
CA GLN C 228 10.93 -37.27 -26.09
C GLN C 228 11.06 -38.20 -24.90
N ARG C 229 12.24 -38.19 -24.27
CA ARG C 229 12.49 -39.05 -23.11
C ARG C 229 11.72 -38.56 -21.88
N LYS C 230 11.30 -37.30 -21.91
CA LYS C 230 10.54 -36.71 -20.80
C LYS C 230 9.06 -37.06 -20.92
N LYS C 231 8.59 -37.17 -22.15
CA LYS C 231 7.20 -37.48 -22.42
C LYS C 231 6.94 -38.98 -22.51
N PHE C 232 7.96 -39.72 -22.92
CA PHE C 232 7.88 -41.17 -23.08
C PHE C 232 9.10 -41.79 -22.43
N PRO C 233 9.16 -41.77 -21.09
CA PRO C 233 10.29 -42.33 -20.36
C PRO C 233 10.63 -43.71 -20.92
N PRO C 234 11.88 -43.90 -21.39
CA PRO C 234 12.21 -45.23 -21.92
C PRO C 234 12.08 -46.29 -20.82
N ASP C 235 12.18 -45.86 -19.58
CA ASP C 235 12.09 -46.76 -18.45
C ASP C 235 10.68 -46.81 -17.87
N ASN C 236 9.69 -46.43 -18.68
CA ASN C 236 8.30 -46.41 -18.24
C ASN C 236 8.08 -45.71 -16.91
N SER C 237 8.98 -44.80 -16.54
CA SER C 237 8.80 -44.04 -15.31
C SER C 237 7.67 -43.06 -15.64
N ALA C 238 7.30 -42.22 -14.69
CA ALA C 238 6.23 -41.25 -14.94
C ALA C 238 6.73 -40.09 -15.78
N PRO C 239 5.95 -39.71 -16.81
CA PRO C 239 6.36 -38.60 -17.66
C PRO C 239 6.47 -37.31 -16.86
N TYR C 240 7.41 -36.45 -17.24
CA TYR C 240 7.60 -35.16 -16.58
C TYR C 240 6.41 -34.25 -16.92
N GLY C 241 6.10 -33.32 -16.02
CA GLY C 241 5.03 -32.40 -16.31
C GLY C 241 5.62 -31.23 -17.10
N ALA C 242 4.79 -30.53 -17.86
CA ALA C 242 5.31 -29.41 -18.64
C ALA C 242 4.76 -28.06 -18.17
N ARG C 243 5.62 -27.06 -18.18
CA ARG C 243 5.27 -25.70 -17.80
C ARG C 243 6.15 -24.73 -18.56
N TYR C 244 5.56 -23.68 -19.09
CA TYR C 244 6.32 -22.67 -19.80
C TYR C 244 5.53 -21.37 -19.76
N VAL C 245 5.96 -20.47 -18.88
CA VAL C 245 5.31 -19.19 -18.70
C VAL C 245 5.66 -18.21 -19.80
N GLY C 246 6.88 -18.29 -20.31
CA GLY C 246 7.28 -17.35 -21.35
C GLY C 246 8.16 -16.27 -20.79
N SER C 247 8.12 -16.08 -19.48
CA SER C 247 8.95 -15.09 -18.82
C SER C 247 10.09 -15.85 -18.15
N MET C 248 11.32 -15.63 -18.61
CA MET C 248 12.46 -16.34 -18.05
C MET C 248 12.51 -16.29 -16.53
N VAL C 249 12.34 -15.11 -15.94
CA VAL C 249 12.39 -15.01 -14.50
C VAL C 249 11.42 -15.99 -13.84
N ALA C 250 10.19 -16.04 -14.36
CA ALA C 250 9.19 -16.95 -13.79
C ALA C 250 9.57 -18.42 -13.97
N ASP C 251 9.98 -18.77 -15.19
CA ASP C 251 10.34 -20.15 -15.46
C ASP C 251 11.58 -20.61 -14.70
N VAL C 252 12.59 -19.76 -14.59
CA VAL C 252 13.78 -20.16 -13.85
C VAL C 252 13.49 -20.27 -12.36
N HIS C 253 12.67 -19.37 -11.85
CA HIS C 253 12.34 -19.43 -10.43
C HIS C 253 11.56 -20.69 -10.05
N ARG C 254 10.63 -21.10 -10.92
CA ARG C 254 9.88 -22.31 -10.65
C ARG C 254 10.87 -23.46 -10.59
N THR C 255 11.79 -23.49 -11.57
CA THR C 255 12.80 -24.52 -11.64
C THR C 255 13.59 -24.57 -10.33
N LEU C 256 14.01 -23.41 -9.84
CA LEU C 256 14.76 -23.35 -8.60
C LEU C 256 13.97 -23.94 -7.44
N VAL C 257 12.73 -23.49 -7.31
CA VAL C 257 11.83 -23.93 -6.25
C VAL C 257 11.36 -25.39 -6.35
N TYR C 258 10.90 -25.80 -7.52
CA TYR C 258 10.39 -27.17 -7.72
C TYR C 258 11.39 -28.13 -8.32
N GLY C 259 12.50 -27.61 -8.85
CA GLY C 259 13.47 -28.48 -9.47
C GLY C 259 13.02 -28.77 -10.89
N GLY C 260 13.84 -29.48 -11.65
CA GLY C 260 13.47 -29.77 -13.01
C GLY C 260 14.45 -29.19 -14.00
N ILE C 261 13.97 -28.86 -15.20
CA ILE C 261 14.85 -28.33 -16.22
C ILE C 261 14.19 -27.24 -17.07
N PHE C 262 14.98 -26.23 -17.43
CA PHE C 262 14.50 -25.12 -18.25
C PHE C 262 15.37 -25.06 -19.49
N LEU C 263 14.75 -24.88 -20.65
CA LEU C 263 15.52 -24.81 -21.90
C LEU C 263 15.07 -23.74 -22.88
N TYR C 264 16.07 -23.14 -23.51
CA TYR C 264 15.89 -22.16 -24.57
C TYR C 264 17.15 -22.40 -25.39
N PRO C 265 17.18 -23.52 -26.12
CA PRO C 265 18.29 -23.96 -26.97
C PRO C 265 18.29 -23.20 -28.29
N ALA C 266 19.33 -23.30 -29.09
CA ALA C 266 19.32 -22.60 -30.36
C ALA C 266 18.30 -23.19 -31.34
N ASN C 267 17.65 -22.35 -32.15
CA ASN C 267 16.70 -22.82 -33.16
C ASN C 267 17.50 -22.63 -34.43
N LYS C 268 17.20 -23.39 -35.47
CA LYS C 268 17.92 -23.21 -36.72
C LYS C 268 17.65 -21.77 -37.21
N LYS C 269 16.76 -21.06 -36.49
CA LYS C 269 16.41 -19.68 -36.81
C LYS C 269 17.20 -18.70 -35.92
N SER C 270 17.62 -19.18 -34.75
CA SER C 270 18.41 -18.40 -33.79
C SER C 270 19.55 -19.33 -33.40
N PRO C 271 20.49 -19.54 -34.33
CA PRO C 271 21.67 -20.40 -34.20
C PRO C 271 22.42 -20.28 -32.88
N ASN C 272 22.50 -19.06 -32.36
CA ASN C 272 23.19 -18.82 -31.10
C ASN C 272 22.23 -18.72 -29.91
N GLY C 273 21.09 -19.43 -29.97
CA GLY C 273 20.10 -19.34 -28.91
C GLY C 273 19.38 -18.00 -29.04
N LYS C 274 18.41 -17.74 -28.16
CA LYS C 274 17.67 -16.50 -28.20
C LYS C 274 17.95 -15.61 -27.00
N LEU C 275 18.07 -16.20 -25.83
CA LEU C 275 18.34 -15.43 -24.62
C LEU C 275 19.73 -14.78 -24.64
N ARG C 276 19.87 -13.65 -23.96
CA ARG C 276 21.14 -12.94 -23.92
C ARG C 276 22.06 -13.46 -22.81
N LEU C 277 23.35 -13.55 -23.13
CA LEU C 277 24.33 -14.05 -22.18
C LEU C 277 24.62 -13.18 -20.98
N LEU C 278 24.92 -11.90 -21.21
CA LEU C 278 25.24 -10.98 -20.12
C LEU C 278 24.20 -10.75 -19.03
N TYR C 279 22.96 -10.47 -19.42
CA TYR C 279 21.94 -10.20 -18.43
C TYR C 279 20.78 -11.18 -18.27
N GLU C 280 20.79 -12.28 -19.00
CA GLU C 280 19.73 -13.26 -18.81
C GLU C 280 20.30 -14.61 -18.45
N CYS C 281 21.24 -15.10 -19.25
CA CYS C 281 21.86 -16.40 -19.01
C CYS C 281 22.82 -16.46 -17.82
N ASN C 282 23.85 -15.62 -17.82
CA ASN C 282 24.83 -15.65 -16.73
C ASN C 282 24.21 -15.49 -15.34
N PRO C 283 23.40 -14.44 -15.14
CA PRO C 283 22.79 -14.27 -13.82
C PRO C 283 22.07 -15.55 -13.37
N MET C 284 21.22 -16.11 -14.23
CA MET C 284 20.51 -17.32 -13.86
C MET C 284 21.46 -18.48 -13.67
N ALA C 285 22.48 -18.55 -14.51
CA ALA C 285 23.46 -19.63 -14.43
C ALA C 285 24.16 -19.57 -13.07
N TYR C 286 24.55 -18.37 -12.68
CA TYR C 286 25.23 -18.17 -11.40
C TYR C 286 24.32 -18.58 -10.23
N VAL C 287 23.06 -18.16 -10.26
CA VAL C 287 22.11 -18.51 -9.21
C VAL C 287 21.98 -20.04 -9.12
N MET C 288 21.79 -20.70 -10.25
CA MET C 288 21.67 -22.15 -10.25
C MET C 288 22.90 -22.83 -9.64
N GLU C 289 24.10 -22.49 -10.12
CA GLU C 289 25.30 -23.12 -9.59
C GLU C 289 25.50 -22.94 -8.08
N LYS C 290 25.20 -21.76 -7.56
CA LYS C 290 25.35 -21.52 -6.14
C LYS C 290 24.28 -22.28 -5.34
N ALA C 291 23.21 -22.67 -6.03
CA ALA C 291 22.11 -23.40 -5.42
C ALA C 291 22.29 -24.90 -5.63
N GLY C 292 23.44 -25.27 -6.19
CA GLY C 292 23.73 -26.67 -6.44
C GLY C 292 23.19 -27.21 -7.74
N GLY C 293 22.82 -26.32 -8.65
CA GLY C 293 22.29 -26.74 -9.94
C GLY C 293 23.32 -26.56 -11.04
N MET C 294 22.90 -26.73 -12.28
CA MET C 294 23.81 -26.60 -13.42
C MET C 294 23.22 -25.69 -14.50
N ALA C 295 24.10 -25.16 -15.34
CA ALA C 295 23.71 -24.29 -16.44
C ALA C 295 24.70 -24.47 -17.58
N THR C 296 24.26 -25.14 -18.64
CA THR C 296 25.10 -25.40 -19.80
C THR C 296 24.54 -24.84 -21.08
N THR C 297 25.42 -24.66 -22.07
CA THR C 297 25.03 -24.17 -23.39
C THR C 297 24.94 -25.41 -24.25
N GLY C 298 25.36 -26.54 -23.68
CA GLY C 298 25.37 -27.81 -24.38
C GLY C 298 26.82 -28.18 -24.66
N LYS C 299 27.61 -27.17 -25.01
CA LYS C 299 29.02 -27.34 -25.31
C LYS C 299 29.89 -27.01 -24.10
N GLU C 300 29.39 -26.15 -23.22
CA GLU C 300 30.15 -25.72 -22.04
C GLU C 300 29.29 -25.04 -21.00
N ALA C 301 29.83 -24.86 -19.80
CA ALA C 301 29.12 -24.18 -18.73
C ALA C 301 28.88 -22.73 -19.17
N VAL C 302 27.66 -22.24 -19.01
CA VAL C 302 27.32 -20.88 -19.40
C VAL C 302 28.31 -19.88 -18.79
N LEU C 303 28.62 -20.08 -17.52
CA LEU C 303 29.54 -19.20 -16.81
C LEU C 303 30.95 -19.13 -17.41
N ASP C 304 31.34 -20.13 -18.18
CA ASP C 304 32.68 -20.14 -18.78
C ASP C 304 32.78 -19.45 -20.13
N VAL C 305 31.65 -19.18 -20.77
CA VAL C 305 31.64 -18.52 -22.05
C VAL C 305 32.23 -17.11 -21.91
N ILE C 306 33.21 -16.80 -22.76
CA ILE C 306 33.84 -15.49 -22.74
C ILE C 306 33.12 -14.62 -23.76
N PRO C 307 32.35 -13.63 -23.30
CA PRO C 307 31.60 -12.73 -24.18
C PRO C 307 32.48 -11.86 -25.06
N THR C 308 31.96 -11.46 -26.23
CA THR C 308 32.69 -10.58 -27.14
C THR C 308 31.78 -9.39 -27.46
N ASP C 309 30.49 -9.57 -27.23
CA ASP C 309 29.50 -8.53 -27.50
C ASP C 309 28.49 -8.49 -26.37
N ILE C 310 28.28 -7.31 -25.79
CA ILE C 310 27.38 -7.16 -24.65
C ILE C 310 25.97 -7.70 -24.85
N HIS C 311 25.50 -7.76 -26.09
CA HIS C 311 24.15 -8.26 -26.34
C HIS C 311 24.13 -9.61 -27.04
N GLN C 312 25.25 -10.34 -27.00
CA GLN C 312 25.29 -11.64 -27.67
C GLN C 312 24.36 -12.66 -27.03
N ARG C 313 23.83 -13.55 -27.86
CA ARG C 313 22.90 -14.58 -27.43
C ARG C 313 23.68 -15.80 -26.95
N ALA C 314 23.00 -16.73 -26.28
CA ALA C 314 23.62 -17.94 -25.80
C ALA C 314 22.55 -18.98 -25.49
N PRO C 315 22.77 -20.23 -25.91
CA PRO C 315 21.80 -21.29 -25.64
C PRO C 315 21.91 -21.59 -24.15
N VAL C 316 20.85 -22.09 -23.54
CA VAL C 316 20.92 -22.41 -22.13
C VAL C 316 19.98 -23.53 -21.68
N ILE C 317 20.55 -24.47 -20.92
CA ILE C 317 19.80 -25.58 -20.34
C ILE C 317 20.24 -25.57 -18.89
N LEU C 318 19.31 -25.33 -17.97
CA LEU C 318 19.65 -25.29 -16.56
C LEU C 318 18.60 -25.91 -15.67
N GLY C 319 18.96 -26.10 -14.39
CA GLY C 319 18.05 -26.69 -13.43
C GLY C 319 18.72 -27.75 -12.57
N SER C 320 17.93 -28.73 -12.13
CA SER C 320 18.47 -29.80 -11.30
C SER C 320 19.64 -30.48 -11.99
N PRO C 321 20.71 -30.76 -11.23
CA PRO C 321 21.92 -31.40 -11.77
C PRO C 321 21.69 -32.72 -12.52
N ASP C 322 20.98 -33.65 -11.91
CA ASP C 322 20.71 -34.93 -12.56
C ASP C 322 20.00 -34.75 -13.90
N ASP C 323 19.17 -33.72 -13.99
CA ASP C 323 18.42 -33.45 -15.21
C ASP C 323 19.28 -32.85 -16.30
N VAL C 324 20.12 -31.87 -15.92
CA VAL C 324 20.99 -31.22 -16.88
C VAL C 324 21.98 -32.26 -17.37
N LEU C 325 22.51 -33.05 -16.43
CA LEU C 325 23.46 -34.11 -16.75
C LEU C 325 22.86 -35.09 -17.75
N GLU C 326 21.59 -35.42 -17.56
CA GLU C 326 20.92 -36.35 -18.47
C GLU C 326 20.85 -35.73 -19.86
N PHE C 327 20.54 -34.43 -19.93
CA PHE C 327 20.49 -33.78 -21.22
C PHE C 327 21.85 -33.87 -21.89
N LEU C 328 22.90 -33.56 -21.12
CA LEU C 328 24.25 -33.58 -21.65
C LEU C 328 24.62 -34.95 -22.22
N LYS C 329 24.13 -36.01 -21.61
CA LYS C 329 24.41 -37.36 -22.10
C LYS C 329 23.81 -37.50 -23.50
N VAL C 330 22.58 -37.02 -23.65
CA VAL C 330 21.91 -37.10 -24.94
C VAL C 330 22.60 -36.16 -25.93
N TYR C 331 23.04 -35.01 -25.44
CA TYR C 331 23.71 -34.04 -26.30
C TYR C 331 24.97 -34.65 -26.90
N GLU C 332 25.72 -35.35 -26.07
CA GLU C 332 26.96 -35.99 -26.50
C GLU C 332 26.68 -37.12 -27.48
N LYS C 333 25.61 -37.87 -27.24
CA LYS C 333 25.24 -38.96 -28.13
C LYS C 333 25.08 -38.41 -29.55
N HIS C 334 24.74 -37.14 -29.68
CA HIS C 334 24.56 -36.52 -30.98
C HIS C 334 25.73 -35.64 -31.39
N SER C 335 26.91 -35.94 -30.84
CA SER C 335 28.10 -35.17 -31.18
C SER C 335 29.32 -36.08 -31.31
N ASP D 9 -13.32 10.10 -19.59
CA ASP D 9 -14.10 9.95 -18.32
C ASP D 9 -13.75 8.63 -17.60
N VAL D 10 -12.96 8.75 -16.53
CA VAL D 10 -12.54 7.58 -15.75
C VAL D 10 -13.77 6.78 -15.31
N ASN D 11 -13.61 5.47 -15.19
CA ASN D 11 -14.71 4.64 -14.77
C ASN D 11 -14.18 3.54 -13.85
N THR D 12 -14.90 3.24 -12.79
CA THR D 12 -14.49 2.20 -11.86
C THR D 12 -15.48 1.03 -11.92
N LEU D 13 -15.07 -0.11 -11.39
CA LEU D 13 -15.95 -1.27 -11.37
C LEU D 13 -17.22 -0.92 -10.59
N THR D 14 -17.06 -0.24 -9.47
CA THR D 14 -18.19 0.14 -8.64
C THR D 14 -19.19 1.01 -9.40
N ARG D 15 -18.69 2.05 -10.05
CA ARG D 15 -19.52 2.96 -10.81
C ARG D 15 -20.21 2.22 -11.97
N PHE D 16 -19.44 1.39 -12.67
CA PHE D 16 -19.94 0.63 -13.80
C PHE D 16 -21.08 -0.30 -13.38
N VAL D 17 -20.83 -1.15 -12.40
CA VAL D 17 -21.85 -2.08 -11.91
C VAL D 17 -23.09 -1.35 -11.37
N MET D 18 -22.89 -0.21 -10.71
CA MET D 18 -24.02 0.54 -10.18
C MET D 18 -24.91 1.02 -11.32
N GLU D 19 -24.29 1.54 -12.39
CA GLU D 19 -25.08 2.03 -13.51
C GLU D 19 -25.80 0.92 -14.26
N GLU D 20 -25.09 -0.15 -14.59
CA GLU D 20 -25.71 -1.27 -15.29
C GLU D 20 -26.83 -1.84 -14.45
N GLY D 21 -26.67 -1.82 -13.13
CA GLY D 21 -27.68 -2.34 -12.24
C GLY D 21 -28.91 -1.43 -12.22
N ARG D 22 -28.67 -0.13 -12.24
CA ARG D 22 -29.74 0.86 -12.23
C ARG D 22 -30.59 0.70 -13.50
N LYS D 23 -29.93 0.51 -14.63
CA LYS D 23 -30.61 0.34 -15.90
C LYS D 23 -31.51 -0.89 -15.87
N ALA D 24 -31.05 -1.96 -15.23
CA ALA D 24 -31.81 -3.20 -15.15
C ALA D 24 -33.12 -3.02 -14.38
N ARG D 25 -33.19 -2.00 -13.53
CA ARG D 25 -34.39 -1.72 -12.76
C ARG D 25 -34.88 -2.94 -11.97
N GLY D 26 -33.99 -3.51 -11.17
CA GLY D 26 -34.34 -4.67 -10.37
C GLY D 26 -34.24 -4.40 -8.88
N THR D 27 -33.96 -5.45 -8.12
CA THR D 27 -33.86 -5.33 -6.66
C THR D 27 -32.56 -4.66 -6.23
N GLY D 28 -31.52 -4.74 -7.07
CA GLY D 28 -30.24 -4.16 -6.75
C GLY D 28 -29.33 -5.20 -6.11
N GLU D 29 -29.84 -6.43 -6.01
CA GLU D 29 -29.09 -7.53 -5.42
C GLU D 29 -27.78 -7.85 -6.13
N LEU D 30 -27.83 -8.06 -7.45
CA LEU D 30 -26.63 -8.37 -8.20
C LEU D 30 -25.57 -7.30 -7.98
N THR D 31 -26.01 -6.05 -7.90
CA THR D 31 -25.07 -4.95 -7.67
C THR D 31 -24.35 -5.18 -6.34
N GLN D 32 -25.12 -5.52 -5.31
CA GLN D 32 -24.55 -5.78 -4.00
C GLN D 32 -23.62 -6.98 -4.05
N LEU D 33 -24.05 -8.02 -4.74
CA LEU D 33 -23.26 -9.23 -4.86
C LEU D 33 -21.88 -8.91 -5.47
N LEU D 34 -21.87 -8.25 -6.63
CA LEU D 34 -20.61 -7.92 -7.29
C LEU D 34 -19.73 -6.99 -6.45
N ASN D 35 -20.35 -6.03 -5.76
CA ASN D 35 -19.57 -5.13 -4.91
C ASN D 35 -18.84 -5.98 -3.88
N SER D 36 -19.57 -6.91 -3.27
CA SER D 36 -19.02 -7.79 -2.26
C SER D 36 -17.88 -8.63 -2.78
N LEU D 37 -18.08 -9.21 -3.96
CA LEU D 37 -17.07 -10.06 -4.57
C LEU D 37 -15.82 -9.21 -4.83
N CYS D 38 -16.04 -8.01 -5.32
CA CYS D 38 -14.97 -7.07 -5.64
C CYS D 38 -14.12 -6.79 -4.40
N THR D 39 -14.76 -6.50 -3.28
CA THR D 39 -14.03 -6.24 -2.05
C THR D 39 -13.23 -7.48 -1.66
N ALA D 40 -13.86 -8.64 -1.79
CA ALA D 40 -13.18 -9.89 -1.46
C ALA D 40 -11.92 -10.03 -2.30
N VAL D 41 -12.06 -9.80 -3.61
CA VAL D 41 -10.91 -9.92 -4.50
C VAL D 41 -9.78 -9.00 -4.06
N LYS D 42 -10.11 -7.77 -3.68
CA LYS D 42 -9.06 -6.87 -3.24
C LYS D 42 -8.38 -7.46 -2.01
N ALA D 43 -9.16 -8.00 -1.09
CA ALA D 43 -8.62 -8.62 0.11
C ALA D 43 -7.69 -9.78 -0.27
N ILE D 44 -8.14 -10.63 -1.18
CA ILE D 44 -7.32 -11.76 -1.61
C ILE D 44 -6.03 -11.24 -2.21
N SER D 45 -6.14 -10.25 -3.09
CA SER D 45 -4.97 -9.68 -3.75
C SER D 45 -3.94 -9.22 -2.71
N SER D 46 -4.40 -8.50 -1.70
CA SER D 46 -3.50 -8.02 -0.66
C SER D 46 -2.76 -9.20 -0.05
N ALA D 47 -3.50 -10.23 0.31
CA ALA D 47 -2.93 -11.43 0.92
C ALA D 47 -1.95 -12.14 -0.02
N VAL D 48 -2.37 -12.32 -1.27
CA VAL D 48 -1.53 -12.98 -2.27
C VAL D 48 -0.20 -12.27 -2.45
N ARG D 49 -0.21 -10.94 -2.45
CA ARG D 49 1.05 -10.19 -2.59
C ARG D 49 1.87 -10.17 -1.30
N LYS D 50 1.49 -11.02 -0.34
CA LYS D 50 2.17 -11.16 0.94
C LYS D 50 2.20 -9.98 1.90
N ALA D 51 1.17 -9.14 1.90
CA ALA D 51 1.12 -8.01 2.80
C ALA D 51 1.18 -8.52 4.24
N GLY D 52 2.07 -7.94 5.03
CA GLY D 52 2.19 -8.34 6.42
C GLY D 52 2.98 -9.60 6.70
N ILE D 53 3.55 -10.21 5.67
CA ILE D 53 4.33 -11.42 5.88
C ILE D 53 5.45 -11.24 6.92
N ALA D 54 5.89 -10.00 7.12
CA ALA D 54 6.95 -9.74 8.08
C ALA D 54 6.52 -10.17 9.48
N HIS D 55 5.24 -10.01 9.79
CA HIS D 55 4.76 -10.40 11.10
C HIS D 55 4.76 -11.91 11.22
N LEU D 56 4.54 -12.61 10.12
CA LEU D 56 4.56 -14.06 10.16
C LEU D 56 5.98 -14.53 10.42
N TYR D 57 6.96 -13.70 10.05
CA TYR D 57 8.36 -14.04 10.26
C TYR D 57 9.00 -13.40 11.49
N GLY D 58 8.16 -12.99 12.44
CA GLY D 58 8.63 -12.44 13.70
C GLY D 58 9.16 -11.02 13.82
N ILE D 59 8.76 -10.13 12.93
CA ILE D 59 9.25 -8.76 13.03
C ILE D 59 8.91 -8.18 14.41
N ALA D 60 7.77 -8.57 14.95
CA ALA D 60 7.35 -8.06 16.26
C ALA D 60 7.55 -9.07 17.37
N GLY D 61 8.39 -10.07 17.13
CA GLY D 61 8.65 -11.08 18.15
C GLY D 61 7.91 -12.38 17.92
N LYS D 71 -3.65 -22.29 8.68
CA LYS D 71 -2.83 -21.24 8.08
C LYS D 71 -2.61 -21.49 6.59
N LYS D 72 -3.45 -20.93 5.73
CA LYS D 72 -3.25 -21.10 4.29
C LYS D 72 -4.01 -20.07 3.45
N LEU D 73 -3.39 -19.67 2.35
CA LEU D 73 -3.94 -18.68 1.43
C LEU D 73 -5.28 -19.13 0.84
N ASP D 74 -5.35 -20.39 0.45
CA ASP D 74 -6.57 -20.95 -0.11
C ASP D 74 -7.72 -20.83 0.87
N VAL D 75 -7.48 -21.23 2.12
CA VAL D 75 -8.54 -21.17 3.09
C VAL D 75 -8.95 -19.75 3.37
N LEU D 76 -7.99 -18.85 3.51
CA LEU D 76 -8.29 -17.45 3.77
C LEU D 76 -9.12 -16.88 2.60
N SER D 77 -8.70 -17.18 1.38
CA SER D 77 -9.38 -16.70 0.19
C SER D 77 -10.81 -17.19 0.16
N ASN D 78 -11.00 -18.46 0.52
CA ASN D 78 -12.32 -19.05 0.52
C ASN D 78 -13.18 -18.37 1.59
N ASP D 79 -12.59 -18.08 2.74
CA ASP D 79 -13.33 -17.42 3.80
C ASP D 79 -13.76 -16.03 3.40
N LEU D 80 -12.88 -15.31 2.71
CA LEU D 80 -13.20 -13.95 2.26
C LEU D 80 -14.38 -13.92 1.28
N VAL D 81 -14.32 -14.74 0.23
CA VAL D 81 -15.42 -14.77 -0.72
C VAL D 81 -16.70 -15.24 -0.06
N MET D 82 -16.59 -16.30 0.74
CA MET D 82 -17.73 -16.85 1.46
C MET D 82 -18.42 -15.82 2.33
N ASN D 83 -17.65 -15.16 3.19
CA ASN D 83 -18.24 -14.16 4.06
C ASN D 83 -18.74 -12.92 3.33
N MET D 84 -17.99 -12.43 2.35
CA MET D 84 -18.45 -11.26 1.64
C MET D 84 -19.72 -11.56 0.87
N LEU D 85 -19.81 -12.74 0.29
CA LEU D 85 -21.01 -13.12 -0.47
C LEU D 85 -22.21 -13.29 0.45
N LYS D 86 -22.03 -14.03 1.54
CA LYS D 86 -23.09 -14.24 2.50
C LYS D 86 -23.63 -12.89 3.00
N SER D 87 -22.72 -12.02 3.42
CA SER D 87 -23.09 -10.70 3.95
C SER D 87 -23.66 -9.73 2.90
N SER D 88 -23.71 -10.14 1.64
CA SER D 88 -24.26 -9.27 0.61
C SER D 88 -25.79 -9.33 0.58
N PHE D 89 -26.34 -10.41 1.12
CA PHE D 89 -27.78 -10.64 1.15
C PHE D 89 -28.32 -10.87 -0.26
N ALA D 90 -27.44 -11.21 -1.20
CA ALA D 90 -27.85 -11.45 -2.58
C ALA D 90 -27.69 -12.89 -3.02
N THR D 91 -27.26 -13.76 -2.10
CA THR D 91 -27.02 -15.15 -2.43
C THR D 91 -27.79 -16.11 -1.53
N CYS D 92 -27.94 -17.36 -1.98
CA CYS D 92 -28.65 -18.38 -1.21
C CYS D 92 -27.90 -19.71 -1.22
N VAL D 93 -27.15 -19.94 -2.30
CA VAL D 93 -26.38 -21.16 -2.45
C VAL D 93 -24.98 -20.88 -2.99
N LEU D 94 -23.97 -21.29 -2.24
CA LEU D 94 -22.58 -21.07 -2.63
C LEU D 94 -21.82 -22.37 -2.83
N VAL D 95 -21.21 -22.51 -4.01
CA VAL D 95 -20.43 -23.70 -4.35
C VAL D 95 -18.99 -23.27 -4.52
N SER D 96 -18.11 -23.86 -3.73
CA SER D 96 -16.70 -23.52 -3.76
C SER D 96 -15.82 -24.73 -3.94
N GLU D 97 -14.80 -24.54 -4.77
CA GLU D 97 -13.81 -25.53 -5.08
C GLU D 97 -13.26 -26.07 -3.75
N GLU D 98 -13.17 -25.21 -2.72
CA GLU D 98 -12.67 -25.63 -1.40
C GLU D 98 -13.64 -26.48 -0.58
N ASP D 99 -14.94 -26.35 -0.84
CA ASP D 99 -15.92 -27.09 -0.07
C ASP D 99 -16.54 -28.28 -0.78
N LYS D 100 -16.63 -29.38 -0.04
CA LYS D 100 -17.20 -30.61 -0.56
C LYS D 100 -18.67 -30.43 -0.92
N HIS D 101 -19.41 -29.79 -0.02
CA HIS D 101 -20.83 -29.55 -0.25
C HIS D 101 -21.13 -28.10 -0.49
N ALA D 102 -22.22 -27.86 -1.21
CA ALA D 102 -22.63 -26.50 -1.46
C ALA D 102 -22.96 -25.89 -0.10
N ILE D 103 -22.68 -24.60 0.05
CA ILE D 103 -22.97 -23.92 1.29
C ILE D 103 -24.32 -23.23 1.15
N ILE D 104 -25.21 -23.49 2.10
CA ILE D 104 -26.53 -22.88 2.06
C ILE D 104 -26.50 -21.67 2.98
N VAL D 105 -26.72 -20.49 2.42
CA VAL D 105 -26.72 -19.25 3.18
C VAL D 105 -27.83 -19.27 4.21
N GLU D 106 -27.53 -18.84 5.43
CA GLU D 106 -28.52 -18.80 6.50
C GLU D 106 -29.73 -18.03 5.97
N PRO D 107 -30.95 -18.40 6.42
CA PRO D 107 -32.20 -17.76 6.02
C PRO D 107 -32.25 -16.24 6.10
N GLU D 108 -31.72 -15.67 7.17
CA GLU D 108 -31.80 -14.22 7.30
C GLU D 108 -30.84 -13.40 6.43
N LYS D 109 -30.11 -14.07 5.53
CA LYS D 109 -29.17 -13.39 4.65
C LYS D 109 -29.31 -13.84 3.20
N ARG D 110 -30.38 -14.58 2.91
CA ARG D 110 -30.58 -15.11 1.56
C ARG D 110 -31.00 -14.12 0.50
N GLY D 111 -30.43 -14.32 -0.68
CA GLY D 111 -30.72 -13.49 -1.84
C GLY D 111 -31.14 -14.46 -2.92
N LYS D 112 -31.43 -13.95 -4.11
CA LYS D 112 -31.88 -14.80 -5.20
C LYS D 112 -30.81 -15.41 -6.10
N TYR D 113 -29.54 -15.10 -5.84
CA TYR D 113 -28.47 -15.62 -6.68
C TYR D 113 -27.68 -16.80 -6.12
N VAL D 114 -27.18 -17.61 -7.04
CA VAL D 114 -26.37 -18.77 -6.71
C VAL D 114 -25.00 -18.45 -7.31
N VAL D 115 -23.94 -18.72 -6.56
CA VAL D 115 -22.61 -18.43 -7.07
C VAL D 115 -21.68 -19.61 -6.94
N CYS D 116 -20.98 -19.91 -8.04
CA CYS D 116 -20.01 -21.00 -8.11
C CYS D 116 -18.68 -20.30 -8.30
N PHE D 117 -17.65 -20.71 -7.57
CA PHE D 117 -16.37 -20.05 -7.71
C PHE D 117 -15.18 -20.84 -7.19
N ASP D 118 -14.01 -20.47 -7.70
CA ASP D 118 -12.75 -21.05 -7.27
C ASP D 118 -12.09 -19.81 -6.65
N PRO D 119 -12.03 -19.75 -5.31
CA PRO D 119 -11.43 -18.60 -4.62
C PRO D 119 -10.00 -18.28 -4.99
N LEU D 120 -9.21 -19.31 -5.28
CA LEU D 120 -7.82 -19.13 -5.63
C LEU D 120 -7.36 -20.20 -6.61
N ASP D 121 -7.55 -19.93 -7.90
CA ASP D 121 -7.18 -20.84 -8.96
C ASP D 121 -5.67 -20.84 -9.17
N GLY D 122 -5.10 -22.04 -9.31
CA GLY D 122 -3.66 -22.16 -9.53
C GLY D 122 -2.91 -22.14 -8.21
N SER D 123 -3.66 -22.14 -7.11
CA SER D 123 -3.07 -22.12 -5.78
C SER D 123 -2.14 -23.28 -5.47
N SER D 124 -2.32 -24.39 -6.18
CA SER D 124 -1.49 -25.57 -5.98
C SER D 124 -0.03 -25.21 -6.28
N ASN D 125 0.16 -24.16 -7.07
CA ASN D 125 1.49 -23.68 -7.43
C ASN D 125 1.76 -22.23 -6.99
N ILE D 126 1.14 -21.82 -5.90
CA ILE D 126 1.36 -20.46 -5.43
C ILE D 126 2.74 -20.38 -4.77
N ASP D 127 3.40 -21.51 -4.61
CA ASP D 127 4.74 -21.53 -3.99
C ASP D 127 5.88 -21.02 -4.87
N CYS D 128 5.75 -21.15 -6.19
CA CYS D 128 6.78 -20.66 -7.09
C CYS D 128 6.42 -19.24 -7.54
N LEU D 129 5.41 -18.68 -6.88
CA LEU D 129 4.93 -17.32 -7.15
C LEU D 129 4.32 -17.17 -8.54
N VAL D 130 3.83 -18.28 -9.09
CA VAL D 130 3.20 -18.24 -10.40
C VAL D 130 1.87 -17.51 -10.22
N SER D 131 1.34 -16.95 -11.30
CA SER D 131 0.08 -16.24 -11.23
C SER D 131 -1.03 -17.13 -10.65
N VAL D 132 -1.96 -16.51 -9.95
CA VAL D 132 -3.08 -17.22 -9.37
C VAL D 132 -4.30 -16.33 -9.59
N GLY D 133 -5.49 -16.87 -9.41
CA GLY D 133 -6.68 -16.05 -9.60
C GLY D 133 -7.93 -16.57 -8.93
N THR D 134 -9.02 -15.84 -9.10
CA THR D 134 -10.31 -16.21 -8.52
C THR D 134 -11.30 -16.27 -9.67
N ILE D 135 -11.93 -17.43 -9.85
CA ILE D 135 -12.90 -17.58 -10.94
C ILE D 135 -14.29 -17.61 -10.30
N PHE D 136 -15.28 -17.02 -10.96
CA PHE D 136 -16.63 -17.01 -10.41
C PHE D 136 -17.72 -17.03 -11.50
N GLY D 137 -18.84 -17.64 -11.16
CA GLY D 137 -19.96 -17.73 -12.08
C GLY D 137 -21.23 -17.49 -11.29
N ILE D 138 -22.07 -16.60 -11.77
CA ILE D 138 -23.30 -16.27 -11.07
C ILE D 138 -24.57 -16.65 -11.82
N TYR D 139 -25.44 -17.39 -11.14
CA TYR D 139 -26.72 -17.85 -11.70
C TYR D 139 -27.85 -17.29 -10.86
N ARG D 140 -29.05 -17.26 -11.43
CA ARG D 140 -30.22 -16.82 -10.67
C ARG D 140 -30.91 -18.11 -10.25
N LYS D 141 -31.31 -18.20 -8.98
CA LYS D 141 -32.00 -19.40 -8.50
C LYS D 141 -33.25 -19.55 -9.34
N LYS D 142 -33.40 -20.70 -10.01
CA LYS D 142 -34.58 -20.88 -10.84
C LYS D 142 -35.78 -21.47 -10.11
N SER D 143 -35.51 -22.17 -9.01
CA SER D 143 -36.56 -22.80 -8.23
C SER D 143 -36.85 -22.05 -6.92
N THR D 144 -38.04 -22.29 -6.36
CA THR D 144 -38.42 -21.68 -5.10
C THR D 144 -38.22 -22.71 -4.01
N ASP D 145 -37.91 -23.95 -4.41
CA ASP D 145 -37.68 -25.01 -3.43
C ASP D 145 -36.66 -24.50 -2.46
N GLU D 146 -36.70 -25.03 -1.25
CA GLU D 146 -35.69 -24.61 -0.29
C GLU D 146 -34.36 -24.66 -1.02
N PRO D 147 -33.49 -23.66 -0.78
CA PRO D 147 -32.20 -23.65 -1.45
C PRO D 147 -31.42 -24.92 -1.19
N SER D 148 -30.80 -25.47 -2.23
CA SER D 148 -30.00 -26.68 -2.09
C SER D 148 -28.95 -26.75 -3.18
N GLU D 149 -28.09 -27.75 -3.09
CA GLU D 149 -27.03 -27.92 -4.09
C GLU D 149 -27.62 -28.04 -5.49
N LYS D 150 -28.86 -28.46 -5.59
CA LYS D 150 -29.52 -28.62 -6.88
C LYS D 150 -29.58 -27.33 -7.67
N ASP D 151 -29.62 -26.21 -6.96
CA ASP D 151 -29.70 -24.91 -7.61
C ASP D 151 -28.42 -24.47 -8.30
N ALA D 152 -27.35 -25.22 -8.09
CA ALA D 152 -26.07 -24.90 -8.71
C ALA D 152 -25.88 -25.77 -9.94
N LEU D 153 -26.81 -26.69 -10.14
CA LEU D 153 -26.73 -27.60 -11.27
C LEU D 153 -27.44 -27.06 -12.50
N GLN D 154 -27.00 -25.90 -12.98
CA GLN D 154 -27.57 -25.27 -14.17
C GLN D 154 -26.52 -25.25 -15.27
N PRO D 155 -26.94 -25.34 -16.53
CA PRO D 155 -25.97 -25.31 -17.63
C PRO D 155 -25.37 -23.91 -17.72
N GLY D 156 -24.08 -23.82 -18.00
CA GLY D 156 -23.42 -22.53 -18.11
C GLY D 156 -24.20 -21.52 -18.95
N ARG D 157 -24.99 -22.02 -19.88
CA ARG D 157 -25.76 -21.12 -20.75
C ARG D 157 -26.68 -20.22 -19.92
N ASN D 158 -26.92 -20.58 -18.66
CA ASN D 158 -27.81 -19.80 -17.79
C ASN D 158 -27.12 -18.71 -17.01
N LEU D 159 -25.79 -18.63 -17.11
CA LEU D 159 -25.05 -17.62 -16.38
C LEU D 159 -25.55 -16.19 -16.59
N VAL D 160 -25.63 -15.44 -15.50
CA VAL D 160 -26.08 -14.06 -15.54
C VAL D 160 -24.85 -13.16 -15.58
N ALA D 161 -23.75 -13.67 -15.02
CA ALA D 161 -22.49 -12.94 -14.98
C ALA D 161 -21.39 -13.94 -14.62
N ALA D 162 -20.17 -13.64 -15.02
CA ALA D 162 -19.05 -14.53 -14.74
C ALA D 162 -17.76 -13.82 -15.08
N GLY D 163 -16.68 -14.31 -14.51
CA GLY D 163 -15.39 -13.70 -14.78
C GLY D 163 -14.35 -14.20 -13.81
N TYR D 164 -13.22 -13.51 -13.78
CA TYR D 164 -12.14 -13.89 -12.91
C TYR D 164 -11.31 -12.71 -12.48
N ALA D 165 -10.48 -12.95 -11.48
CA ALA D 165 -9.56 -11.94 -10.98
C ALA D 165 -8.19 -12.57 -11.19
N LEU D 166 -7.32 -11.87 -11.91
CA LEU D 166 -5.99 -12.38 -12.14
C LEU D 166 -5.00 -11.67 -11.22
N TYR D 167 -4.29 -12.44 -10.40
CA TYR D 167 -3.29 -11.87 -9.50
C TYR D 167 -1.93 -12.13 -10.12
N GLY D 168 -1.61 -11.37 -11.17
CA GLY D 168 -0.33 -11.53 -11.85
C GLY D 168 0.61 -10.40 -11.53
N SER D 169 1.29 -9.88 -12.56
CA SER D 169 2.21 -8.76 -12.36
C SER D 169 1.38 -7.64 -11.72
N ALA D 170 0.12 -7.57 -12.15
CA ALA D 170 -0.83 -6.59 -11.63
C ALA D 170 -2.12 -7.38 -11.43
N THR D 171 -3.03 -6.85 -10.62
CA THR D 171 -4.29 -7.53 -10.37
C THR D 171 -5.36 -6.97 -11.28
N MET D 172 -6.00 -7.85 -12.05
CA MET D 172 -7.05 -7.44 -12.96
C MET D 172 -8.29 -8.31 -12.78
N LEU D 173 -9.45 -7.67 -12.93
CA LEU D 173 -10.73 -8.34 -12.79
C LEU D 173 -11.45 -8.29 -14.15
N VAL D 174 -11.66 -9.45 -14.76
CA VAL D 174 -12.36 -9.50 -16.03
C VAL D 174 -13.81 -9.87 -15.70
N LEU D 175 -14.74 -8.98 -16.07
CA LEU D 175 -16.14 -9.19 -15.79
C LEU D 175 -16.94 -9.36 -17.07
N ALA D 176 -17.62 -10.47 -17.21
CA ALA D 176 -18.43 -10.70 -18.39
C ALA D 176 -19.91 -10.82 -18.01
N MET D 177 -20.73 -10.08 -18.74
CA MET D 177 -22.17 -10.10 -18.54
C MET D 177 -22.79 -10.13 -19.92
N ASP D 178 -24.12 -10.15 -19.94
CA ASP D 178 -24.86 -10.19 -21.20
C ASP D 178 -24.42 -9.09 -22.17
N CYS D 179 -24.04 -7.94 -21.63
CA CYS D 179 -23.62 -6.80 -22.46
C CYS D 179 -22.17 -6.85 -22.97
N GLY D 180 -21.42 -7.89 -22.59
CA GLY D 180 -20.04 -7.98 -23.06
C GLY D 180 -19.02 -8.22 -21.97
N VAL D 181 -17.74 -8.09 -22.32
CA VAL D 181 -16.65 -8.30 -21.38
C VAL D 181 -15.87 -7.01 -21.13
N ASN D 182 -15.61 -6.71 -19.86
CA ASN D 182 -14.86 -5.51 -19.50
C ASN D 182 -13.75 -5.81 -18.51
N CYS D 183 -12.59 -5.17 -18.71
CA CYS D 183 -11.46 -5.42 -17.84
C CYS D 183 -11.10 -4.23 -16.94
N PHE D 184 -10.89 -4.53 -15.67
CA PHE D 184 -10.56 -3.48 -14.71
C PHE D 184 -9.22 -3.77 -14.04
N MET D 185 -8.37 -2.75 -13.98
CA MET D 185 -7.07 -2.90 -13.36
C MET D 185 -7.20 -2.37 -11.94
N LEU D 186 -6.65 -3.13 -10.99
CA LEU D 186 -6.72 -2.73 -9.60
C LEU D 186 -5.60 -1.77 -9.29
N ASP D 187 -5.95 -0.54 -8.92
CA ASP D 187 -4.96 0.47 -8.56
C ASP D 187 -4.71 0.32 -7.07
N PRO D 188 -3.59 -0.33 -6.68
CA PRO D 188 -3.25 -0.54 -5.27
C PRO D 188 -3.20 0.74 -4.44
N ALA D 189 -2.82 1.85 -5.09
CA ALA D 189 -2.72 3.12 -4.40
C ALA D 189 -4.03 3.56 -3.74
N ILE D 190 -5.15 3.29 -4.38
CA ILE D 190 -6.44 3.70 -3.85
C ILE D 190 -7.46 2.57 -3.75
N GLY D 191 -7.02 1.33 -3.97
CA GLY D 191 -7.92 0.21 -3.88
C GLY D 191 -9.17 0.42 -4.72
N GLU D 192 -8.96 0.77 -6.00
CA GLU D 192 -10.08 0.99 -6.89
C GLU D 192 -9.83 0.25 -8.20
N PHE D 193 -10.85 -0.42 -8.73
CA PHE D 193 -10.72 -1.14 -10.00
C PHE D 193 -11.04 -0.18 -11.14
N ILE D 194 -10.02 0.17 -11.91
CA ILE D 194 -10.17 1.11 -13.02
C ILE D 194 -10.44 0.43 -14.36
N LEU D 195 -11.52 0.82 -15.00
CA LEU D 195 -11.88 0.24 -16.29
C LEU D 195 -10.83 0.62 -17.32
N VAL D 196 -10.15 -0.38 -17.89
CA VAL D 196 -9.12 -0.09 -18.89
C VAL D 196 -9.34 -0.79 -20.22
N ASP D 197 -10.43 -1.55 -20.32
CA ASP D 197 -10.76 -2.24 -21.55
C ASP D 197 -12.25 -2.51 -21.66
N LYS D 198 -12.92 -1.74 -22.51
CA LYS D 198 -14.36 -1.85 -22.72
C LYS D 198 -14.75 -2.83 -23.82
N ASP D 199 -15.85 -3.53 -23.60
CA ASP D 199 -16.40 -4.48 -24.56
C ASP D 199 -15.32 -5.23 -25.37
N VAL D 200 -14.47 -5.94 -24.64
CA VAL D 200 -13.37 -6.73 -25.19
C VAL D 200 -13.78 -7.85 -26.15
N LYS D 201 -12.97 -8.06 -27.17
CA LYS D 201 -13.20 -9.11 -28.17
C LYS D 201 -11.91 -9.86 -28.49
N ILE D 202 -11.95 -11.17 -28.41
CA ILE D 202 -10.80 -12.00 -28.69
C ILE D 202 -10.47 -11.98 -30.18
N LYS D 203 -9.20 -12.17 -30.53
CA LYS D 203 -8.77 -12.20 -31.92
C LYS D 203 -9.45 -13.37 -32.62
N LYS D 204 -9.78 -13.19 -33.90
CA LYS D 204 -10.42 -14.24 -34.68
C LYS D 204 -9.54 -15.50 -34.74
N LYS D 205 -8.22 -15.29 -34.79
CA LYS D 205 -7.26 -16.39 -34.83
C LYS D 205 -5.97 -15.95 -34.16
N GLY D 206 -5.34 -16.87 -33.43
CA GLY D 206 -4.11 -16.55 -32.73
C GLY D 206 -2.89 -17.30 -33.23
N LYS D 207 -1.81 -17.21 -32.48
CA LYS D 207 -0.56 -17.86 -32.86
C LYS D 207 0.07 -18.60 -31.68
N ILE D 208 -0.74 -18.83 -30.64
CA ILE D 208 -0.27 -19.52 -29.45
C ILE D 208 -1.17 -20.68 -29.06
N TYR D 209 -0.58 -21.81 -28.70
CA TYR D 209 -1.38 -22.96 -28.24
C TYR D 209 -0.89 -23.24 -26.82
N SER D 210 -1.82 -23.55 -25.93
CA SER D 210 -1.49 -23.77 -24.52
C SER D 210 -2.08 -25.04 -23.90
N LEU D 211 -1.21 -25.93 -23.43
CA LEU D 211 -1.63 -27.18 -22.79
C LEU D 211 -0.41 -27.91 -22.20
N ASN D 212 -0.62 -28.72 -21.18
CA ASN D 212 0.49 -29.45 -20.59
C ASN D 212 0.85 -30.63 -21.49
N GLU D 213 1.93 -30.48 -22.27
CA GLU D 213 2.35 -31.53 -23.17
C GLU D 213 3.01 -32.72 -22.47
N GLY D 214 3.11 -32.65 -21.14
CA GLY D 214 3.69 -33.76 -20.41
C GLY D 214 2.77 -34.95 -20.52
N TYR D 215 1.49 -34.69 -20.76
CA TYR D 215 0.50 -35.73 -20.90
C TYR D 215 0.47 -36.30 -22.34
N ALA D 216 1.44 -35.89 -23.16
CA ALA D 216 1.49 -36.35 -24.56
C ALA D 216 1.28 -37.86 -24.72
N LYS D 217 1.92 -38.64 -23.85
CA LYS D 217 1.79 -40.09 -23.92
C LYS D 217 0.35 -40.57 -23.78
N ASP D 218 -0.49 -39.81 -23.09
CA ASP D 218 -1.89 -40.21 -22.92
C ASP D 218 -2.90 -39.42 -23.74
N PHE D 219 -2.42 -38.53 -24.60
CA PHE D 219 -3.30 -37.71 -25.43
C PHE D 219 -4.25 -38.50 -26.32
N ASP D 220 -5.41 -37.90 -26.58
CA ASP D 220 -6.41 -38.46 -27.46
C ASP D 220 -5.83 -38.18 -28.84
N PRO D 221 -5.90 -39.15 -29.77
CA PRO D 221 -5.37 -38.95 -31.13
C PRO D 221 -5.68 -37.58 -31.77
N ALA D 222 -6.89 -37.08 -31.54
CA ALA D 222 -7.28 -35.79 -32.10
C ALA D 222 -6.37 -34.69 -31.53
N VAL D 223 -6.17 -34.70 -30.23
CA VAL D 223 -5.30 -33.72 -29.60
C VAL D 223 -3.89 -33.84 -30.16
N THR D 224 -3.38 -35.07 -30.22
CA THR D 224 -2.04 -35.31 -30.74
C THR D 224 -1.87 -34.72 -32.14
N GLU D 225 -2.83 -34.97 -33.03
CA GLU D 225 -2.71 -34.45 -34.38
C GLU D 225 -2.82 -32.93 -34.43
N TYR D 226 -3.73 -32.36 -33.64
CA TYR D 226 -3.86 -30.91 -33.64
C TYR D 226 -2.57 -30.22 -33.18
N ILE D 227 -2.01 -30.68 -32.06
CA ILE D 227 -0.77 -30.09 -31.57
C ILE D 227 0.30 -30.23 -32.66
N GLN D 228 0.31 -31.38 -33.33
CA GLN D 228 1.27 -31.62 -34.39
C GLN D 228 1.10 -30.61 -35.53
N ARG D 229 -0.14 -30.22 -35.83
CA ARG D 229 -0.35 -29.24 -36.90
C ARG D 229 0.07 -27.85 -36.46
N LYS D 230 0.21 -27.64 -35.15
CA LYS D 230 0.63 -26.35 -34.63
C LYS D 230 2.14 -26.22 -34.66
N LYS D 231 2.82 -27.36 -34.49
CA LYS D 231 4.29 -27.37 -34.51
C LYS D 231 4.85 -27.58 -35.91
N PHE D 232 4.09 -28.26 -36.75
CA PHE D 232 4.50 -28.54 -38.13
C PHE D 232 3.33 -28.24 -39.06
N PRO D 233 3.02 -26.96 -39.26
CA PRO D 233 1.91 -26.60 -40.14
C PRO D 233 2.02 -27.31 -41.48
N PRO D 234 0.97 -28.05 -41.89
CA PRO D 234 1.01 -28.75 -43.16
C PRO D 234 1.05 -27.78 -44.34
N ASP D 235 0.56 -26.56 -44.12
CA ASP D 235 0.57 -25.54 -45.16
C ASP D 235 1.85 -24.71 -45.07
N ASN D 236 2.85 -25.29 -44.40
CA ASN D 236 4.14 -24.65 -44.17
C ASN D 236 4.07 -23.23 -43.66
N SER D 237 3.04 -22.92 -42.89
CA SER D 237 2.90 -21.59 -42.31
C SER D 237 3.86 -21.58 -41.12
N ALA D 238 3.86 -20.49 -40.37
CA ALA D 238 4.74 -20.41 -39.20
C ALA D 238 4.14 -21.17 -38.03
N PRO D 239 4.94 -22.02 -37.39
CA PRO D 239 4.40 -22.77 -36.25
C PRO D 239 3.94 -21.87 -35.12
N TYR D 240 2.90 -22.29 -34.42
CA TYR D 240 2.36 -21.55 -33.28
C TYR D 240 3.37 -21.60 -32.15
N GLY D 241 3.35 -20.58 -31.30
CA GLY D 241 4.24 -20.56 -30.15
C GLY D 241 3.52 -21.29 -29.01
N ALA D 242 4.28 -21.82 -28.07
CA ALA D 242 3.69 -22.56 -26.96
C ALA D 242 3.83 -21.83 -25.63
N ARG D 243 2.77 -21.89 -24.82
CA ARG D 243 2.74 -21.27 -23.50
C ARG D 243 1.82 -22.09 -22.60
N TYR D 244 2.26 -22.37 -21.39
CA TYR D 244 1.43 -23.08 -20.45
C TYR D 244 1.90 -22.77 -19.06
N VAL D 245 1.16 -21.89 -18.39
CA VAL D 245 1.48 -21.44 -17.05
C VAL D 245 1.09 -22.46 -16.00
N GLY D 246 -0.01 -23.17 -16.21
CA GLY D 246 -0.43 -24.16 -15.24
C GLY D 246 -1.60 -23.65 -14.42
N SER D 247 -1.77 -22.34 -14.43
CA SER D 247 -2.86 -21.70 -13.71
C SER D 247 -3.92 -21.33 -14.77
N MET D 248 -5.08 -21.97 -14.72
CA MET D 248 -6.11 -21.69 -15.71
C MET D 248 -6.40 -20.22 -15.92
N VAL D 249 -6.58 -19.48 -14.83
CA VAL D 249 -6.86 -18.05 -14.95
C VAL D 249 -5.80 -17.37 -15.81
N ALA D 250 -4.53 -17.67 -15.55
CA ALA D 250 -3.46 -17.05 -16.30
C ALA D 250 -3.49 -17.46 -17.77
N ASP D 251 -3.62 -18.76 -18.03
CA ASP D 251 -3.64 -19.25 -19.41
C ASP D 251 -4.83 -18.74 -20.20
N VAL D 252 -6.02 -18.72 -19.58
CA VAL D 252 -7.19 -18.25 -20.30
C VAL D 252 -7.09 -16.76 -20.57
N HIS D 253 -6.57 -16.01 -19.61
CA HIS D 253 -6.45 -14.57 -19.81
C HIS D 253 -5.48 -14.22 -20.94
N ARG D 254 -4.38 -14.96 -21.04
CA ARG D 254 -3.43 -14.68 -22.12
C ARG D 254 -4.16 -14.94 -23.42
N THR D 255 -4.87 -16.06 -23.49
CA THR D 255 -5.63 -16.42 -24.68
C THR D 255 -6.59 -15.28 -25.06
N LEU D 256 -7.30 -14.75 -24.07
CA LEU D 256 -8.22 -13.65 -24.33
C LEU D 256 -7.49 -12.45 -24.93
N VAL D 257 -6.40 -12.05 -24.29
CA VAL D 257 -5.62 -10.90 -24.70
C VAL D 257 -4.84 -11.09 -26.00
N TYR D 258 -4.15 -12.22 -26.15
CA TYR D 258 -3.34 -12.46 -27.34
C TYR D 258 -3.99 -13.34 -28.38
N GLY D 259 -5.09 -13.97 -28.02
CA GLY D 259 -5.76 -14.84 -28.96
C GLY D 259 -5.05 -16.18 -28.94
N GLY D 260 -5.58 -17.15 -29.67
CA GLY D 260 -4.98 -18.46 -29.70
C GLY D 260 -5.92 -19.53 -29.16
N ILE D 261 -5.35 -20.59 -28.58
CA ILE D 261 -6.16 -21.67 -28.07
C ILE D 261 -5.62 -22.29 -26.79
N PHE D 262 -6.53 -22.65 -25.90
CA PHE D 262 -6.19 -23.26 -24.62
C PHE D 262 -6.87 -24.62 -24.54
N LEU D 263 -6.15 -25.63 -24.08
CA LEU D 263 -6.72 -26.97 -23.99
C LEU D 263 -6.38 -27.72 -22.71
N TYR D 264 -7.39 -28.43 -22.21
CA TYR D 264 -7.26 -29.33 -21.07
C TYR D 264 -8.32 -30.36 -21.45
N PRO D 265 -7.99 -31.18 -22.46
CA PRO D 265 -8.86 -32.22 -22.99
C PRO D 265 -8.88 -33.49 -22.17
N ALA D 266 -9.80 -34.35 -22.62
CA ALA D 266 -10.03 -35.66 -22.02
C ALA D 266 -9.27 -36.69 -22.81
N ASN D 267 -9.14 -37.87 -22.21
CA ASN D 267 -8.46 -39.00 -22.80
C ASN D 267 -9.06 -40.27 -22.19
N LYS D 268 -8.46 -41.42 -22.48
CA LYS D 268 -8.97 -42.67 -21.97
C LYS D 268 -9.00 -42.72 -20.45
N LYS D 269 -7.97 -42.19 -19.80
CA LYS D 269 -7.92 -42.21 -18.33
C LYS D 269 -8.77 -41.12 -17.68
N SER D 270 -9.09 -40.07 -18.43
CA SER D 270 -9.93 -38.98 -17.93
C SER D 270 -10.99 -38.66 -18.97
N PRO D 271 -12.00 -39.53 -19.08
CA PRO D 271 -13.09 -39.38 -20.04
C PRO D 271 -13.74 -38.00 -20.03
N ASN D 272 -13.64 -37.28 -18.92
CA ASN D 272 -14.25 -35.97 -18.83
C ASN D 272 -13.32 -34.83 -18.44
N GLY D 273 -12.01 -35.05 -18.52
CA GLY D 273 -11.08 -33.98 -18.21
C GLY D 273 -10.71 -33.83 -16.75
N LYS D 274 -9.99 -32.76 -16.45
CA LYS D 274 -9.57 -32.51 -15.09
C LYS D 274 -10.22 -31.28 -14.48
N LEU D 275 -10.38 -30.23 -15.27
CA LEU D 275 -10.99 -29.00 -14.77
C LEU D 275 -12.46 -29.20 -14.42
N ARG D 276 -12.95 -28.43 -13.45
CA ARG D 276 -14.34 -28.58 -13.04
C ARG D 276 -15.27 -27.68 -13.83
N LEU D 277 -16.44 -28.22 -14.14
CA LEU D 277 -17.43 -27.51 -14.97
C LEU D 277 -18.07 -26.27 -14.35
N LEU D 278 -18.60 -26.40 -13.15
CA LEU D 278 -19.28 -25.30 -12.48
C LEU D 278 -18.50 -24.03 -12.23
N TYR D 279 -17.30 -24.15 -11.67
CA TYR D 279 -16.50 -22.98 -11.33
C TYR D 279 -15.21 -22.71 -12.10
N GLU D 280 -14.88 -23.55 -13.07
CA GLU D 280 -13.66 -23.31 -13.85
C GLU D 280 -13.98 -23.22 -15.33
N CYS D 281 -14.67 -24.23 -15.85
CA CYS D 281 -15.01 -24.26 -17.27
C CYS D 281 -16.11 -23.30 -17.70
N ASN D 282 -17.27 -23.36 -17.06
CA ASN D 282 -18.35 -22.48 -17.46
C ASN D 282 -18.00 -21.01 -17.39
N PRO D 283 -17.46 -20.54 -16.25
CA PRO D 283 -17.12 -19.12 -16.17
C PRO D 283 -16.25 -18.69 -17.35
N MET D 284 -15.17 -19.45 -17.60
CA MET D 284 -14.28 -19.11 -18.70
C MET D 284 -14.98 -19.26 -20.04
N ALA D 285 -15.83 -20.27 -20.18
CA ALA D 285 -16.55 -20.48 -21.43
C ALA D 285 -17.43 -19.26 -21.70
N TYR D 286 -18.13 -18.80 -20.67
CA TYR D 286 -19.00 -17.64 -20.77
C TYR D 286 -18.23 -16.41 -21.23
N VAL D 287 -17.12 -16.16 -20.56
CA VAL D 287 -16.27 -15.02 -20.89
C VAL D 287 -15.85 -15.08 -22.36
N MET D 288 -15.35 -16.24 -22.78
CA MET D 288 -14.92 -16.41 -24.15
C MET D 288 -16.03 -16.11 -25.16
N GLU D 289 -17.20 -16.73 -24.99
CA GLU D 289 -18.30 -16.51 -25.91
C GLU D 289 -18.74 -15.05 -26.02
N LYS D 290 -18.80 -14.37 -24.89
CA LYS D 290 -19.20 -12.97 -24.89
C LYS D 290 -18.13 -12.10 -25.57
N ALA D 291 -16.90 -12.61 -25.62
CA ALA D 291 -15.77 -11.92 -26.24
C ALA D 291 -15.60 -12.34 -27.69
N GLY D 292 -16.54 -13.15 -28.18
CA GLY D 292 -16.49 -13.61 -29.55
C GLY D 292 -15.65 -14.86 -29.75
N GLY D 293 -15.35 -15.56 -28.66
CA GLY D 293 -14.55 -16.76 -28.75
C GLY D 293 -15.42 -18.00 -28.62
N MET D 294 -14.78 -19.16 -28.52
CA MET D 294 -15.53 -20.40 -28.38
C MET D 294 -14.99 -21.26 -27.24
N ALA D 295 -15.83 -22.17 -26.76
CA ALA D 295 -15.49 -23.07 -25.67
C ALA D 295 -16.23 -24.39 -25.86
N THR D 296 -15.50 -25.43 -26.26
CA THR D 296 -16.10 -26.73 -26.50
C THR D 296 -15.47 -27.83 -25.64
N THR D 297 -16.20 -28.92 -25.48
CA THR D 297 -15.73 -30.08 -24.72
C THR D 297 -15.26 -31.07 -25.76
N GLY D 298 -15.50 -30.72 -27.02
CA GLY D 298 -15.14 -31.57 -28.13
C GLY D 298 -16.41 -32.14 -28.70
N LYS D 299 -17.34 -32.50 -27.82
CA LYS D 299 -18.62 -33.05 -28.25
C LYS D 299 -19.70 -31.98 -28.28
N GLU D 300 -19.55 -30.94 -27.47
CA GLU D 300 -20.55 -29.87 -27.44
C GLU D 300 -20.02 -28.62 -26.74
N ALA D 301 -20.75 -27.52 -26.87
CA ALA D 301 -20.36 -26.27 -26.22
C ALA D 301 -20.38 -26.47 -24.71
N VAL D 302 -19.32 -26.03 -24.03
CA VAL D 302 -19.23 -26.16 -22.58
C VAL D 302 -20.49 -25.64 -21.89
N LEU D 303 -20.95 -24.47 -22.34
CA LEU D 303 -22.13 -23.86 -21.76
C LEU D 303 -23.43 -24.67 -21.90
N ASP D 304 -23.46 -25.63 -22.83
CA ASP D 304 -24.68 -26.44 -22.99
C ASP D 304 -24.73 -27.71 -22.14
N VAL D 305 -23.60 -28.09 -21.56
CA VAL D 305 -23.55 -29.27 -20.72
C VAL D 305 -24.45 -29.07 -19.51
N ILE D 306 -25.35 -30.02 -19.25
CA ILE D 306 -26.19 -29.89 -18.07
C ILE D 306 -25.54 -30.70 -16.96
N PRO D 307 -25.07 -30.01 -15.92
CA PRO D 307 -24.41 -30.67 -14.79
C PRO D 307 -25.34 -31.54 -13.95
N THR D 308 -24.76 -32.54 -13.30
CA THR D 308 -25.50 -33.44 -12.42
C THR D 308 -24.84 -33.48 -11.07
N ASP D 309 -23.57 -33.05 -11.02
CA ASP D 309 -22.78 -33.02 -9.80
C ASP D 309 -22.00 -31.70 -9.73
N ILE D 310 -22.15 -30.96 -8.63
CA ILE D 310 -21.48 -29.65 -8.48
C ILE D 310 -19.97 -29.65 -8.71
N HIS D 311 -19.31 -30.78 -8.48
CA HIS D 311 -17.87 -30.87 -8.67
C HIS D 311 -17.49 -31.69 -9.88
N GLN D 312 -18.42 -31.93 -10.79
CA GLN D 312 -18.09 -32.74 -11.96
C GLN D 312 -17.06 -32.08 -12.86
N ARG D 313 -16.23 -32.90 -13.48
CA ARG D 313 -15.18 -32.43 -14.37
C ARG D 313 -15.72 -32.25 -15.78
N ALA D 314 -14.95 -31.58 -16.63
CA ALA D 314 -15.36 -31.38 -18.01
C ALA D 314 -14.16 -31.01 -18.88
N PRO D 315 -14.02 -31.64 -20.05
CA PRO D 315 -12.90 -31.33 -20.92
C PRO D 315 -13.17 -29.93 -21.50
N VAL D 316 -12.12 -29.20 -21.85
CA VAL D 316 -12.32 -27.86 -22.40
C VAL D 316 -11.25 -27.40 -23.40
N ILE D 317 -11.71 -26.90 -24.54
CA ILE D 317 -10.84 -26.34 -25.57
C ILE D 317 -11.49 -24.99 -25.82
N LEU D 318 -10.76 -23.91 -25.58
CA LEU D 318 -11.31 -22.57 -25.78
C LEU D 318 -10.31 -21.57 -26.36
N GLY D 319 -10.81 -20.42 -26.79
CA GLY D 319 -9.96 -19.38 -27.35
C GLY D 319 -10.50 -18.80 -28.65
N SER D 320 -9.60 -18.37 -29.51
CA SER D 320 -9.97 -17.81 -30.80
C SER D 320 -10.89 -18.75 -31.58
N PRO D 321 -11.96 -18.22 -32.19
CA PRO D 321 -12.88 -19.07 -32.94
C PRO D 321 -12.27 -19.92 -34.04
N ASP D 322 -11.48 -19.31 -34.92
CA ASP D 322 -10.88 -20.08 -36.00
C ASP D 322 -10.01 -21.22 -35.48
N ASP D 323 -9.43 -21.02 -34.30
CA ASP D 323 -8.58 -22.03 -33.70
C ASP D 323 -9.37 -23.18 -33.10
N VAL D 324 -10.44 -22.84 -32.38
CA VAL D 324 -11.26 -23.86 -31.77
C VAL D 324 -11.92 -24.65 -32.91
N LEU D 325 -12.40 -23.92 -33.92
CA LEU D 325 -13.04 -24.55 -35.06
C LEU D 325 -12.09 -25.54 -35.75
N GLU D 326 -10.83 -25.17 -35.84
CA GLU D 326 -9.84 -26.05 -36.47
C GLU D 326 -9.70 -27.31 -35.63
N PHE D 327 -9.70 -27.16 -34.32
CA PHE D 327 -9.57 -28.32 -33.44
C PHE D 327 -10.76 -29.23 -33.68
N LEU D 328 -11.96 -28.64 -33.72
CA LEU D 328 -13.16 -29.42 -33.92
C LEU D 328 -13.13 -30.21 -35.22
N LYS D 329 -12.50 -29.65 -36.25
CA LYS D 329 -12.39 -30.33 -37.54
C LYS D 329 -11.58 -31.61 -37.35
N VAL D 330 -10.49 -31.48 -36.61
CA VAL D 330 -9.62 -32.62 -36.33
C VAL D 330 -10.34 -33.61 -35.40
N TYR D 331 -11.09 -33.08 -34.44
CA TYR D 331 -11.82 -33.93 -33.52
C TYR D 331 -12.82 -34.81 -34.27
N GLU D 332 -13.53 -34.20 -35.22
CA GLU D 332 -14.52 -34.87 -36.04
C GLU D 332 -13.85 -35.96 -36.89
N LYS D 333 -12.69 -35.63 -37.43
CA LYS D 333 -11.93 -36.57 -38.25
C LYS D 333 -11.69 -37.87 -37.49
N HIS D 334 -11.60 -37.77 -36.17
CA HIS D 334 -11.37 -38.94 -35.33
C HIS D 334 -12.67 -39.42 -34.66
N SER D 335 -13.81 -39.13 -35.28
CA SER D 335 -15.12 -39.54 -34.74
C SER D 335 -16.03 -40.07 -35.83
#